data_3BGT
#
_entry.id   3BGT
#
_cell.length_a   105.447
_cell.length_b   105.447
_cell.length_c   252.379
_cell.angle_alpha   90.00
_cell.angle_beta   90.00
_cell.angle_gamma   120.00
#
_symmetry.space_group_name_H-M   'H 3'
#
loop_
_entity.id
_entity.type
_entity.pdbx_description
1 polymer 'Probable acetoacetate decarboxylase'
2 water water
#
_entity_poly.entity_id   1
_entity_poly.type   'polypeptide(L)'
_entity_poly.pdbx_seq_one_letter_code
;(MSE)KQQEVRQRAFA(MSE)PLTSPAFPPGPYRFVNREY(MSE)IITYRTDPAAIEAVLPEPLQ(MSE)AEPVVRYEFI
R(MSE)PDSTGFGDYSESGQVIPVTFRGERGSYTLA(MSE)FLDDQPPLAGGRELWGFPKKAGKPRLEVHQDTLVGSLDF
GPVRIATGT(MSE)GYKYEALDRSALLASLAEPNFLLKIIPHVDGSPRICELVRYHTTDVAIKGAWSAPGSLELHPHALA
PVAALPVLEVLSARHFVCDLTLDLGTVVFDYLRQ
;
_entity_poly.pdbx_strand_id   A,B,C,D
#
# COMPACT_ATOMS: atom_id res chain seq x y z
N LYS A 2 29.94 37.10 -5.00
CA LYS A 2 29.23 38.07 -5.85
C LYS A 2 28.19 37.44 -6.76
N GLN A 3 27.30 38.26 -7.30
CA GLN A 3 26.36 37.87 -8.30
C GLN A 3 26.72 36.99 -9.36
N GLN A 4 27.79 37.18 -9.96
CA GLN A 4 28.19 36.34 -11.08
C GLN A 4 28.83 35.02 -10.65
N GLU A 5 29.43 35.02 -9.46
CA GLU A 5 29.94 33.80 -8.85
C GLU A 5 28.77 32.87 -8.52
N VAL A 6 27.62 33.45 -8.14
CA VAL A 6 26.44 32.68 -7.80
C VAL A 6 25.91 32.02 -9.05
N ARG A 7 25.71 32.83 -10.07
CA ARG A 7 25.22 32.38 -11.36
C ARG A 7 26.14 31.31 -11.97
N GLN A 8 27.41 31.38 -11.62
CA GLN A 8 28.43 30.52 -12.19
C GLN A 8 28.57 29.18 -11.47
N ARG A 9 28.37 29.19 -10.15
CA ARG A 9 28.38 27.95 -9.38
C ARG A 9 27.03 27.22 -9.31
N ALA A 10 25.94 27.94 -9.57
CA ALA A 10 24.59 27.40 -9.46
C ALA A 10 24.39 26.18 -10.33
N PHE A 11 24.08 25.06 -9.68
CA PHE A 11 23.72 23.84 -10.40
C PHE A 11 22.44 23.27 -9.80
N ALA A 12 22.46 22.99 -8.49
CA ALA A 12 21.29 22.51 -7.74
C ALA A 12 21.25 23.07 -6.31
N PRO A 14 20.98 22.93 -2.23
CA PRO A 14 21.49 24.26 -1.85
C PRO A 14 22.72 24.61 -2.64
N LEU A 15 22.79 25.86 -3.07
CA LEU A 15 23.93 26.39 -3.82
C LEU A 15 25.31 25.84 -3.36
N THR A 16 25.63 26.02 -2.08
CA THR A 16 26.94 25.68 -1.50
C THR A 16 27.12 24.20 -1.14
N SER A 17 26.04 23.42 -1.23
CA SER A 17 26.08 21.98 -0.90
C SER A 17 24.96 21.25 -1.65
N PRO A 18 25.05 21.16 -3.00
CA PRO A 18 23.91 20.70 -3.83
C PRO A 18 23.31 19.34 -3.43
N ALA A 19 21.99 19.23 -3.54
CA ALA A 19 21.30 18.02 -3.13
C ALA A 19 21.74 16.81 -3.99
N PHE A 20 22.31 17.04 -5.12
CA PHE A 20 22.84 16.16 -6.01
C PHE A 20 23.93 16.71 -6.83
N PRO A 21 24.81 15.93 -7.29
CA PRO A 21 25.86 16.39 -8.11
C PRO A 21 25.74 16.25 -9.60
N PRO A 22 26.59 16.95 -10.35
CA PRO A 22 26.78 16.79 -11.75
C PRO A 22 27.27 15.40 -12.19
N GLY A 23 27.03 14.93 -13.31
CA GLY A 23 27.70 13.72 -13.58
C GLY A 23 29.14 13.75 -14.00
N PRO A 24 29.47 12.74 -14.69
CA PRO A 24 28.60 11.80 -15.26
C PRO A 24 27.78 10.77 -14.45
N TYR A 25 26.63 10.38 -14.81
CA TYR A 25 25.95 9.33 -14.14
C TYR A 25 26.15 7.84 -14.50
N ARG A 26 27.03 7.16 -13.83
CA ARG A 26 27.39 5.81 -14.19
C ARG A 26 26.77 4.81 -13.21
N PHE A 27 26.20 3.73 -13.75
CA PHE A 27 25.60 2.69 -12.97
C PHE A 27 26.38 1.42 -13.19
N VAL A 28 26.80 0.80 -12.10
CA VAL A 28 27.41 -0.53 -12.17
C VAL A 28 26.46 -1.58 -11.60
N ASN A 29 26.34 -2.70 -12.33
CA ASN A 29 25.54 -3.83 -11.89
C ASN A 29 24.07 -3.50 -11.63
N ARG A 30 23.49 -2.61 -12.43
CA ARG A 30 22.03 -2.47 -12.46
C ARG A 30 21.37 -3.83 -12.67
N GLU A 31 20.40 -4.16 -11.81
CA GLU A 31 19.66 -5.40 -11.99
C GLU A 31 18.18 -5.11 -12.15
N TYR A 32 17.61 -5.56 -13.28
CA TYR A 32 16.23 -5.32 -13.65
C TYR A 32 15.39 -6.60 -13.58
N ILE A 34 11.77 -6.97 -15.33
CA ILE A 34 10.75 -6.25 -16.09
C ILE A 34 9.61 -7.19 -16.44
N ILE A 35 8.41 -6.87 -15.96
CA ILE A 35 7.22 -7.64 -16.32
C ILE A 35 6.38 -6.79 -17.25
N THR A 36 6.13 -7.31 -18.45
CA THR A 36 5.31 -6.62 -19.45
C THR A 36 3.91 -7.21 -19.50
N TYR A 37 2.91 -6.34 -19.35
CA TYR A 37 1.54 -6.81 -19.35
C TYR A 37 0.67 -5.99 -20.29
N ARG A 38 -0.37 -6.64 -20.79
CA ARG A 38 -1.39 -6.02 -21.61
C ARG A 38 -2.32 -5.32 -20.65
N THR A 39 -2.76 -4.13 -21.03
CA THR A 39 -3.69 -3.34 -20.23
C THR A 39 -4.82 -2.76 -21.08
N ASP A 40 -5.73 -2.04 -20.42
CA ASP A 40 -6.78 -1.34 -21.15
C ASP A 40 -6.17 -0.19 -21.96
N PRO A 41 -6.40 -0.21 -23.29
CA PRO A 41 -5.86 0.88 -24.13
C PRO A 41 -6.38 2.25 -23.70
N ALA A 42 -7.64 2.29 -23.28
CA ALA A 42 -8.26 3.48 -22.72
C ALA A 42 -7.58 3.97 -21.43
N ALA A 43 -6.91 3.06 -20.72
CA ALA A 43 -6.19 3.42 -19.50
C ALA A 43 -4.84 4.12 -19.79
N ILE A 44 -4.20 3.74 -20.89
CA ILE A 44 -3.00 4.42 -21.38
C ILE A 44 -3.37 5.76 -21.99
N GLU A 45 -4.37 5.77 -22.86
CA GLU A 45 -4.77 7.04 -23.48
C GLU A 45 -5.12 8.15 -22.50
N ALA A 46 -5.69 7.79 -21.35
CA ALA A 46 -6.00 8.79 -20.32
C ALA A 46 -4.77 9.42 -19.68
N VAL A 47 -3.60 8.78 -19.82
CA VAL A 47 -2.35 9.22 -19.14
C VAL A 47 -1.17 9.62 -20.05
N LEU A 48 -1.27 9.34 -21.35
CA LEU A 48 -0.21 9.66 -22.32
C LEU A 48 -0.35 11.06 -22.95
N PRO A 49 0.60 11.98 -22.67
CA PRO A 49 0.54 13.34 -23.24
C PRO A 49 0.89 13.42 -24.72
N GLU A 50 0.04 14.06 -25.52
CA GLU A 50 0.41 14.41 -26.90
C GLU A 50 1.57 15.41 -26.78
N PRO A 51 2.49 15.48 -27.78
CA PRO A 51 2.49 14.74 -29.04
C PRO A 51 3.03 13.31 -29.04
N LEU A 52 3.25 12.72 -27.86
CA LEU A 52 3.50 11.28 -27.82
C LEU A 52 2.31 10.48 -28.33
N GLN A 53 2.62 9.36 -28.97
CA GLN A 53 1.58 8.53 -29.52
C GLN A 53 1.72 7.12 -28.99
N ALA A 55 1.68 3.13 -28.68
CA ALA A 55 1.99 1.96 -29.50
C ALA A 55 1.18 0.85 -28.80
N GLU A 56 1.62 -0.36 -28.78
CA GLU A 56 0.97 -1.41 -28.13
C GLU A 56 0.27 -1.09 -26.76
N PRO A 57 -0.83 -1.66 -26.41
CA PRO A 57 -1.34 -1.39 -25.15
C PRO A 57 -0.77 -2.28 -24.12
N VAL A 58 0.44 -2.06 -23.89
CA VAL A 58 1.17 -2.80 -22.87
C VAL A 58 1.82 -1.80 -21.91
N VAL A 59 2.26 -2.33 -20.75
CA VAL A 59 3.00 -1.56 -19.79
C VAL A 59 4.18 -2.46 -19.40
N ARG A 60 5.39 -1.92 -19.33
N ARG A 60 5.39 -1.92 -19.33
CA ARG A 60 6.50 -2.42 -18.68
CA ARG A 60 6.48 -2.41 -18.64
C ARG A 60 6.58 -2.10 -17.20
C ARG A 60 6.58 -2.10 -17.20
N TYR A 61 6.29 -3.04 -16.39
CA TYR A 61 6.44 -2.79 -14.94
C TYR A 61 7.80 -3.28 -14.50
N GLU A 62 8.54 -2.51 -13.80
CA GLU A 62 9.92 -2.72 -13.51
C GLU A 62 10.27 -2.62 -12.07
N PHE A 63 11.23 -3.38 -11.67
CA PHE A 63 11.86 -3.33 -10.36
C PHE A 63 13.35 -3.30 -10.64
N ILE A 64 14.06 -2.26 -10.18
CA ILE A 64 15.50 -2.10 -10.50
C ILE A 64 16.33 -1.96 -9.23
N ARG A 65 17.42 -2.72 -9.17
CA ARG A 65 18.42 -2.52 -8.15
C ARG A 65 19.59 -1.72 -8.72
N PRO A 67 22.88 -0.85 -7.10
CA PRO A 67 23.75 -0.92 -5.93
C PRO A 67 24.97 0.04 -6.01
N ASP A 68 25.29 0.56 -7.18
CA ASP A 68 26.52 1.32 -7.36
C ASP A 68 26.28 2.39 -8.43
N SER A 69 26.15 3.63 -8.08
CA SER A 69 25.63 4.69 -8.87
C SER A 69 26.31 5.94 -8.48
N THR A 70 27.11 6.48 -9.30
CA THR A 70 27.81 7.73 -9.07
C THR A 70 27.10 8.91 -8.75
N GLY A 71 27.46 9.54 -7.74
CA GLY A 71 26.78 10.63 -7.23
C GLY A 71 25.62 10.31 -6.39
N PHE A 72 25.06 9.19 -6.50
CA PHE A 72 23.75 8.87 -5.91
C PHE A 72 23.89 7.86 -4.77
N GLY A 73 24.77 6.88 -4.92
CA GLY A 73 24.92 5.83 -3.91
C GLY A 73 24.37 4.47 -4.27
N ASP A 74 23.71 3.84 -3.29
CA ASP A 74 23.17 2.49 -3.42
C ASP A 74 21.65 2.50 -3.19
N TYR A 75 20.86 2.19 -4.23
CA TYR A 75 19.40 2.27 -4.12
C TYR A 75 18.58 1.34 -5.04
N SER A 76 17.27 1.40 -4.87
CA SER A 76 16.39 0.58 -5.67
C SER A 76 15.23 1.43 -6.17
N GLU A 77 14.58 0.95 -7.23
CA GLU A 77 13.60 1.72 -7.96
C GLU A 77 12.51 0.78 -8.50
N SER A 78 11.30 1.30 -8.63
CA SER A 78 10.23 0.55 -9.26
C SER A 78 9.41 1.57 -10.04
N GLY A 79 8.80 1.15 -11.14
CA GLY A 79 8.16 2.11 -12.05
C GLY A 79 7.32 1.48 -13.15
N GLN A 80 6.56 2.31 -13.85
CA GLN A 80 5.70 1.88 -14.94
C GLN A 80 6.12 2.58 -16.20
N VAL A 81 6.49 1.81 -17.23
CA VAL A 81 6.93 2.41 -18.48
C VAL A 81 6.01 1.96 -19.61
N ILE A 82 5.67 2.86 -20.54
CA ILE A 82 4.75 2.57 -21.66
C ILE A 82 5.46 2.72 -23.03
N PRO A 83 5.37 1.72 -23.95
CA PRO A 83 5.95 1.96 -25.29
C PRO A 83 5.20 3.06 -26.03
N VAL A 84 5.93 3.95 -26.70
CA VAL A 84 5.33 5.03 -27.48
C VAL A 84 6.04 5.19 -28.81
N THR A 85 5.48 6.06 -29.65
CA THR A 85 6.17 6.55 -30.82
C THR A 85 6.16 8.07 -30.79
N PHE A 86 7.26 8.66 -31.20
CA PHE A 86 7.38 10.10 -31.32
C PHE A 86 8.22 10.40 -32.57
N ARG A 87 7.62 11.13 -33.51
CA ARG A 87 8.24 11.48 -34.79
C ARG A 87 8.87 10.30 -35.53
N GLY A 88 8.14 9.18 -35.63
CA GLY A 88 8.59 7.98 -36.34
C GLY A 88 9.56 7.11 -35.58
N GLU A 89 9.85 7.50 -34.33
CA GLU A 89 10.77 6.76 -33.50
C GLU A 89 10.01 6.10 -32.36
N ARG A 90 10.13 4.82 -32.31
CA ARG A 90 9.97 4.10 -31.13
C ARG A 90 10.66 4.39 -29.87
N GLY A 91 9.94 4.50 -28.78
CA GLY A 91 10.64 4.71 -27.51
C GLY A 91 9.72 4.39 -26.36
N SER A 92 10.04 4.94 -25.19
CA SER A 92 9.25 4.70 -23.98
C SER A 92 8.82 6.01 -23.32
N TYR A 93 7.74 5.93 -22.56
CA TYR A 93 7.34 7.04 -21.75
C TYR A 93 7.30 6.56 -20.29
N THR A 94 7.99 7.26 -19.40
CA THR A 94 7.91 6.97 -17.98
C THR A 94 6.75 7.69 -17.27
N LEU A 95 5.81 6.91 -16.79
CA LEU A 95 4.61 7.44 -16.17
C LEU A 95 4.81 7.62 -14.66
N ALA A 96 5.43 6.65 -14.01
CA ALA A 96 5.58 6.68 -12.54
C ALA A 96 6.82 5.92 -12.10
N PHE A 98 9.39 5.15 -8.29
CA PHE A 98 9.51 5.25 -6.82
C PHE A 98 10.88 4.76 -6.41
N LEU A 99 11.55 5.52 -5.50
CA LEU A 99 12.92 5.20 -5.09
C LEU A 99 13.10 5.39 -3.59
N ASP A 100 14.13 4.78 -3.02
CA ASP A 100 14.45 4.87 -1.57
C ASP A 100 15.72 5.70 -1.19
N ASP A 101 16.05 6.72 -1.99
CA ASP A 101 17.31 7.49 -1.80
C ASP A 101 17.03 8.93 -2.32
N GLN A 102 17.38 9.91 -1.61
CA GLN A 102 17.17 11.20 -1.96
C GLN A 102 17.84 11.80 -3.09
N PRO A 103 19.11 11.89 -3.11
CA PRO A 103 19.79 12.48 -4.26
C PRO A 103 19.32 12.05 -5.67
N PRO A 104 19.16 10.74 -5.94
CA PRO A 104 18.62 10.41 -7.26
C PRO A 104 17.14 10.77 -7.47
N LEU A 105 16.41 11.02 -6.39
CA LEU A 105 14.97 11.34 -6.51
C LEU A 105 14.86 12.82 -6.86
N ALA A 106 15.51 13.68 -6.09
CA ALA A 106 15.58 15.12 -6.42
C ALA A 106 16.27 15.32 -7.74
N GLY A 107 17.43 14.69 -7.92
CA GLY A 107 18.16 14.77 -9.19
C GLY A 107 17.40 14.33 -10.42
N GLY A 108 16.79 13.15 -10.33
CA GLY A 108 15.89 12.63 -11.35
C GLY A 108 14.82 13.59 -11.81
N ARG A 109 14.06 14.13 -10.85
CA ARG A 109 13.04 15.16 -11.09
C ARG A 109 13.61 16.49 -11.65
N GLU A 110 14.58 17.10 -10.97
CA GLU A 110 14.97 18.48 -11.29
C GLU A 110 15.83 18.63 -12.55
N LEU A 111 16.59 17.57 -12.87
CA LEU A 111 17.53 17.61 -14.01
C LEU A 111 16.83 17.03 -15.26
N TRP A 112 16.53 15.74 -15.26
CA TRP A 112 15.88 15.11 -16.41
C TRP A 112 14.37 15.32 -16.50
N GLY A 113 13.68 15.38 -15.36
CA GLY A 113 12.20 15.30 -15.38
C GLY A 113 11.60 13.90 -15.24
N PHE A 114 12.27 13.04 -14.49
CA PHE A 114 11.69 11.73 -14.13
C PHE A 114 10.58 11.99 -13.14
N PRO A 115 9.42 11.33 -13.32
CA PRO A 115 8.26 11.58 -12.48
C PRO A 115 8.35 10.81 -11.14
N LYS A 116 9.38 11.09 -10.36
CA LYS A 116 9.70 10.21 -9.24
C LYS A 116 9.01 10.56 -7.95
N LYS A 117 8.66 9.51 -7.20
CA LYS A 117 8.13 9.68 -5.83
C LYS A 117 8.92 8.79 -4.88
N ALA A 118 8.63 8.87 -3.59
CA ALA A 118 9.32 8.03 -2.63
C ALA A 118 8.58 6.72 -2.43
N GLY A 119 9.32 5.65 -2.15
CA GLY A 119 8.75 4.33 -1.89
C GLY A 119 9.85 3.40 -1.42
N LYS A 120 9.48 2.15 -1.13
CA LYS A 120 10.42 1.09 -0.76
C LYS A 120 10.38 -0.07 -1.76
N PRO A 121 11.21 -0.01 -2.80
CA PRO A 121 11.30 -1.17 -3.70
C PRO A 121 12.31 -2.17 -3.18
N ARG A 122 12.10 -3.45 -3.53
CA ARG A 122 13.07 -4.48 -3.22
C ARG A 122 13.09 -5.46 -4.38
N LEU A 123 14.25 -6.04 -4.61
CA LEU A 123 14.37 -7.08 -5.61
C LEU A 123 15.43 -8.04 -5.08
N GLU A 124 14.98 -9.25 -4.74
CA GLU A 124 15.87 -10.26 -4.18
C GLU A 124 15.42 -11.65 -4.59
N VAL A 125 16.37 -12.56 -4.68
CA VAL A 125 16.09 -13.98 -4.89
C VAL A 125 15.77 -14.61 -3.53
N HIS A 126 14.63 -15.27 -3.44
CA HIS A 126 14.32 -16.11 -2.28
C HIS A 126 14.34 -17.53 -2.81
N GLN A 127 15.39 -18.24 -2.61
CA GLN A 127 15.57 -19.58 -3.03
C GLN A 127 15.30 -19.49 -4.52
N ASP A 128 14.29 -20.11 -4.95
CA ASP A 128 14.00 -20.43 -6.35
C ASP A 128 13.35 -19.30 -7.15
N THR A 129 12.88 -18.27 -6.45
CA THR A 129 12.07 -17.18 -7.06
C THR A 129 12.78 -15.82 -6.94
N LEU A 130 12.79 -15.05 -8.03
CA LEU A 130 13.06 -13.60 -8.01
C LEU A 130 11.76 -12.84 -7.75
N VAL A 131 11.77 -12.04 -6.69
CA VAL A 131 10.55 -11.41 -6.15
C VAL A 131 10.81 -9.93 -6.11
N GLY A 132 9.93 -9.17 -6.76
CA GLY A 132 10.03 -7.71 -6.78
C GLY A 132 8.88 -7.20 -5.98
N SER A 133 9.14 -6.20 -5.13
CA SER A 133 8.04 -5.61 -4.37
C SER A 133 8.27 -4.13 -4.27
N LEU A 134 7.17 -3.39 -4.15
CA LEU A 134 7.20 -1.96 -3.90
C LEU A 134 6.14 -1.64 -2.85
N ASP A 135 6.59 -1.11 -1.73
CA ASP A 135 5.70 -0.59 -0.69
C ASP A 135 5.70 0.93 -0.80
N PHE A 136 4.59 1.54 -0.41
CA PHE A 136 4.46 2.98 -0.26
C PHE A 136 3.95 3.20 1.17
N GLY A 137 4.82 3.59 2.08
CA GLY A 137 4.43 3.54 3.48
C GLY A 137 4.11 2.08 3.86
N PRO A 138 3.09 1.88 4.71
CA PRO A 138 2.78 0.51 5.16
C PRO A 138 2.01 -0.31 4.09
N VAL A 139 1.81 0.23 2.89
CA VAL A 139 0.90 -0.40 1.92
C VAL A 139 1.64 -1.06 0.71
N ARG A 140 1.40 -2.35 0.47
CA ARG A 140 2.03 -3.02 -0.69
C ARG A 140 1.28 -2.63 -1.96
N ILE A 141 1.98 -2.07 -2.96
CA ILE A 141 1.29 -1.63 -4.18
C ILE A 141 1.73 -2.46 -5.39
N ALA A 142 2.86 -3.15 -5.30
CA ALA A 142 3.26 -4.05 -6.39
C ALA A 142 4.11 -5.22 -5.94
N THR A 143 3.77 -6.42 -6.43
CA THR A 143 4.52 -7.67 -6.18
C THR A 143 4.67 -8.40 -7.52
N GLY A 144 5.91 -8.64 -7.91
CA GLY A 144 6.21 -9.39 -9.12
C GLY A 144 7.04 -10.61 -8.75
N THR A 145 6.93 -11.65 -9.56
CA THR A 145 7.76 -12.82 -9.36
C THR A 145 8.21 -13.36 -10.69
N GLY A 147 10.57 -16.92 -12.35
CA GLY A 147 11.52 -18.02 -12.21
C GLY A 147 12.96 -17.54 -12.35
N TYR A 148 13.89 -18.33 -11.84
CA TYR A 148 15.31 -17.95 -11.89
C TYR A 148 16.05 -18.38 -13.16
N LYS A 149 16.28 -17.45 -14.03
CA LYS A 149 17.18 -17.61 -15.13
C LYS A 149 16.94 -18.86 -15.98
N TYR A 150 15.70 -19.08 -16.35
CA TYR A 150 15.28 -20.21 -17.15
C TYR A 150 15.94 -20.26 -18.53
N GLU A 151 15.96 -19.15 -19.26
CA GLU A 151 16.50 -19.11 -20.60
C GLU A 151 17.30 -17.88 -20.86
N ALA A 152 18.40 -18.00 -21.54
CA ALA A 152 19.19 -16.84 -21.92
C ALA A 152 18.41 -16.06 -22.97
N LEU A 153 18.44 -14.74 -22.92
CA LEU A 153 17.73 -13.97 -23.92
C LEU A 153 18.69 -13.33 -24.93
N ASP A 154 18.12 -12.90 -26.06
CA ASP A 154 18.90 -12.27 -27.13
C ASP A 154 19.50 -10.96 -26.69
N ARG A 155 20.80 -10.89 -26.73
CA ARG A 155 21.50 -9.76 -26.21
C ARG A 155 21.57 -8.63 -27.16
N SER A 156 21.45 -8.95 -28.42
CA SER A 156 21.32 -7.95 -29.47
C SER A 156 20.00 -7.19 -29.36
N ALA A 157 18.90 -7.93 -29.23
CA ALA A 157 17.58 -7.37 -28.96
C ALA A 157 17.49 -6.55 -27.66
N LEU A 158 18.18 -7.01 -26.63
CA LEU A 158 18.22 -6.30 -25.36
C LEU A 158 18.97 -4.98 -25.53
N LEU A 159 20.11 -4.99 -26.23
CA LEU A 159 20.87 -3.76 -26.43
C LEU A 159 20.10 -2.74 -27.27
N ALA A 160 19.27 -3.25 -28.17
CA ALA A 160 18.43 -2.41 -29.03
C ALA A 160 17.33 -1.79 -28.18
N SER A 161 16.79 -2.57 -27.26
CA SER A 161 15.87 -2.08 -26.23
C SER A 161 16.45 -0.92 -25.40
N LEU A 162 17.68 -1.10 -24.90
CA LEU A 162 18.35 -0.08 -24.10
C LEU A 162 18.90 1.11 -24.90
N ALA A 163 18.89 0.99 -26.24
CA ALA A 163 19.30 2.06 -27.15
C ALA A 163 18.19 3.01 -27.56
N GLU A 164 16.93 2.64 -27.34
CA GLU A 164 15.83 3.46 -27.83
C GLU A 164 15.70 4.71 -26.96
N PRO A 165 15.11 5.79 -27.52
CA PRO A 165 14.96 7.00 -26.74
C PRO A 165 13.92 6.83 -25.64
N ASN A 166 14.16 7.53 -24.53
CA ASN A 166 13.31 7.46 -23.36
C ASN A 166 12.78 8.86 -23.14
N PHE A 167 11.46 9.00 -23.17
CA PHE A 167 10.81 10.32 -23.12
C PHE A 167 10.19 10.60 -21.75
N LEU A 168 10.23 11.86 -21.31
CA LEU A 168 9.76 12.26 -19.99
C LEU A 168 9.06 13.58 -20.11
N LEU A 169 7.96 13.78 -19.37
CA LEU A 169 7.38 15.10 -19.38
C LEU A 169 7.95 15.87 -18.17
N LYS A 170 8.88 16.81 -18.40
CA LYS A 170 9.44 17.60 -17.31
C LYS A 170 8.58 18.83 -16.95
N ILE A 171 8.05 18.87 -15.74
CA ILE A 171 7.21 19.98 -15.31
C ILE A 171 7.81 20.48 -14.02
N ILE A 172 8.03 21.79 -13.95
CA ILE A 172 8.48 22.43 -12.73
C ILE A 172 7.66 23.71 -12.60
N PRO A 173 6.93 23.88 -11.49
CA PRO A 173 6.17 25.11 -11.27
C PRO A 173 7.04 26.35 -11.09
N HIS A 174 6.51 27.49 -11.51
CA HIS A 174 7.02 28.76 -11.09
C HIS A 174 6.57 29.03 -9.66
N VAL A 175 7.16 30.02 -9.04
CA VAL A 175 6.81 30.38 -7.67
C VAL A 175 5.33 30.63 -7.50
N ASP A 176 4.61 30.98 -8.57
CA ASP A 176 3.20 31.34 -8.46
C ASP A 176 2.26 30.17 -8.76
N GLY A 177 2.86 29.01 -9.07
CA GLY A 177 2.11 27.80 -9.33
C GLY A 177 1.88 27.49 -10.80
N SER A 178 2.19 28.44 -11.67
CA SER A 178 2.05 28.23 -13.09
C SER A 178 3.32 27.53 -13.55
N PRO A 179 3.25 26.76 -14.66
CA PRO A 179 4.47 26.04 -15.05
C PRO A 179 5.57 27.01 -15.48
N ARG A 180 6.80 26.77 -15.05
CA ARG A 180 7.97 27.53 -15.51
C ARG A 180 8.75 26.65 -16.49
N ILE A 181 8.68 25.34 -16.28
CA ILE A 181 9.23 24.36 -17.19
C ILE A 181 8.13 23.34 -17.52
N CYS A 182 7.86 23.15 -18.81
CA CYS A 182 6.91 22.12 -19.26
C CYS A 182 7.31 21.62 -20.65
N GLU A 183 8.01 20.49 -20.69
CA GLU A 183 8.67 20.06 -21.91
C GLU A 183 8.85 18.53 -22.00
N LEU A 184 8.81 18.02 -23.23
CA LEU A 184 9.15 16.63 -23.48
C LEU A 184 10.66 16.53 -23.57
N VAL A 185 11.21 15.58 -22.82
CA VAL A 185 12.65 15.42 -22.70
C VAL A 185 13.04 14.05 -23.24
N ARG A 186 14.08 14.01 -24.06
CA ARG A 186 14.57 12.75 -24.53
C ARG A 186 15.92 12.42 -23.87
N TYR A 187 16.03 11.22 -23.29
CA TYR A 187 17.34 10.74 -22.73
C TYR A 187 17.70 9.34 -23.21
N HIS A 188 18.99 9.03 -23.20
CA HIS A 188 19.46 7.74 -23.60
C HIS A 188 20.31 7.16 -22.52
N THR A 189 20.29 5.84 -22.38
CA THR A 189 21.29 5.15 -21.57
C THR A 189 22.34 4.64 -22.55
N THR A 190 23.60 5.05 -22.36
CA THR A 190 24.67 4.67 -23.28
C THR A 190 25.76 3.86 -22.59
N ASP A 191 26.84 3.54 -23.31
CA ASP A 191 27.93 2.71 -22.77
C ASP A 191 27.43 1.47 -22.07
N VAL A 192 26.43 0.81 -22.64
CA VAL A 192 25.85 -0.39 -22.01
C VAL A 192 26.76 -1.61 -22.13
N ALA A 193 26.94 -2.33 -21.04
CA ALA A 193 27.58 -3.64 -21.07
C ALA A 193 26.65 -4.58 -20.33
N ILE A 194 26.17 -5.60 -21.04
CA ILE A 194 25.26 -6.59 -20.47
C ILE A 194 26.06 -7.71 -19.82
N LYS A 195 25.79 -7.96 -18.54
CA LYS A 195 26.51 -8.99 -17.82
C LYS A 195 25.80 -10.33 -17.88
N GLY A 196 24.47 -10.28 -17.92
CA GLY A 196 23.65 -11.48 -18.14
C GLY A 196 22.23 -11.03 -18.38
N ALA A 197 21.45 -11.87 -19.06
CA ALA A 197 20.06 -11.52 -19.40
C ALA A 197 19.27 -12.79 -19.68
N TRP A 198 18.10 -12.93 -19.04
CA TRP A 198 17.30 -14.18 -19.04
C TRP A 198 15.83 -13.88 -19.10
N SER A 199 15.07 -14.90 -19.50
CA SER A 199 13.63 -14.86 -19.39
C SER A 199 13.18 -16.08 -18.59
N ALA A 200 11.94 -16.05 -18.12
CA ALA A 200 11.42 -17.08 -17.26
C ALA A 200 9.98 -16.73 -17.07
N PRO A 201 9.18 -17.69 -16.54
CA PRO A 201 7.80 -17.39 -16.22
C PRO A 201 7.74 -16.18 -15.29
N GLY A 202 6.74 -15.33 -15.45
CA GLY A 202 6.60 -14.18 -14.57
C GLY A 202 5.19 -13.93 -14.09
N SER A 203 5.07 -13.07 -13.09
CA SER A 203 3.77 -12.72 -12.53
C SER A 203 3.82 -11.31 -11.95
N LEU A 204 2.64 -10.67 -11.90
CA LEU A 204 2.49 -9.34 -11.34
C LEU A 204 1.15 -9.13 -10.67
N GLU A 205 1.12 -8.55 -9.51
CA GLU A 205 -0.03 -8.06 -8.85
C GLU A 205 0.10 -6.65 -8.36
N LEU A 206 -0.82 -5.83 -8.64
CA LEU A 206 -0.83 -4.41 -8.24
C LEU A 206 -1.99 -4.08 -7.34
N HIS A 207 -1.80 -3.13 -6.43
CA HIS A 207 -2.82 -2.73 -5.45
C HIS A 207 -3.03 -1.22 -5.53
N PRO A 208 -4.28 -0.76 -5.33
CA PRO A 208 -4.58 0.65 -5.45
C PRO A 208 -3.96 1.42 -4.32
N HIS A 209 -3.64 2.66 -4.61
CA HIS A 209 -3.16 3.59 -3.62
C HIS A 209 -3.44 4.98 -4.17
N ALA A 210 -3.96 5.86 -3.31
CA ALA A 210 -4.39 7.20 -3.73
C ALA A 210 -3.22 8.03 -4.27
N LEU A 211 -2.02 7.82 -3.72
CA LEU A 211 -0.88 8.66 -4.01
C LEU A 211 0.17 7.93 -4.86
N ALA A 212 -0.12 6.68 -5.21
CA ALA A 212 0.79 5.86 -6.03
C ALA A 212 -0.04 4.99 -6.95
N PRO A 213 -0.71 5.60 -7.96
CA PRO A 213 -1.81 4.88 -8.59
C PRO A 213 -1.36 3.98 -9.73
N VAL A 214 -0.30 3.20 -9.49
CA VAL A 214 0.17 2.22 -10.48
C VAL A 214 -0.94 1.25 -10.90
N ALA A 215 -1.94 1.07 -10.02
CA ALA A 215 -3.01 0.09 -10.27
C ALA A 215 -4.02 0.53 -11.32
N ALA A 216 -4.02 1.82 -11.66
CA ALA A 216 -4.92 2.36 -12.67
C ALA A 216 -4.52 1.98 -14.11
N LEU A 217 -3.47 1.19 -14.26
CA LEU A 217 -3.23 0.55 -15.56
C LEU A 217 -3.32 -0.95 -15.30
N PRO A 218 -4.55 -1.50 -15.32
CA PRO A 218 -4.86 -2.84 -14.82
C PRO A 218 -4.09 -3.95 -15.51
N VAL A 219 -3.67 -4.95 -14.74
CA VAL A 219 -3.00 -6.12 -15.30
C VAL A 219 -4.08 -7.10 -15.84
N LEU A 220 -4.32 -7.05 -17.14
CA LEU A 220 -5.27 -7.95 -17.80
C LEU A 220 -4.62 -9.29 -18.19
N GLU A 221 -3.41 -9.30 -18.66
CA GLU A 221 -2.65 -10.46 -19.02
C GLU A 221 -1.13 -10.21 -18.98
N VAL A 222 -0.43 -10.96 -18.21
CA VAL A 222 1.05 -10.90 -18.24
C VAL A 222 1.58 -11.51 -19.55
N LEU A 223 2.38 -10.73 -20.27
CA LEU A 223 2.90 -11.16 -21.57
C LEU A 223 4.30 -11.74 -21.54
N SER A 224 5.21 -11.06 -20.84
CA SER A 224 6.60 -11.48 -20.82
C SER A 224 7.26 -11.07 -19.52
N ALA A 225 8.42 -11.67 -19.24
CA ALA A 225 9.25 -11.29 -18.10
C ALA A 225 10.70 -11.43 -18.51
N ARG A 226 11.50 -10.39 -18.21
CA ARG A 226 12.94 -10.46 -18.39
C ARG A 226 13.71 -9.94 -17.15
N HIS A 227 14.88 -10.52 -16.97
CA HIS A 227 15.76 -10.22 -15.88
C HIS A 227 17.14 -10.08 -16.48
N PHE A 228 17.75 -8.91 -16.28
CA PHE A 228 19.11 -8.69 -16.74
C PHE A 228 19.93 -7.90 -15.75
N VAL A 229 21.24 -7.98 -15.91
CA VAL A 229 22.21 -7.23 -15.14
C VAL A 229 23.12 -6.51 -16.14
N CYS A 230 23.40 -5.22 -15.90
CA CYS A 230 24.17 -4.44 -16.86
C CYS A 230 24.87 -3.26 -16.20
N ASP A 231 25.88 -2.70 -16.88
CA ASP A 231 26.44 -1.40 -16.54
C ASP A 231 25.95 -0.42 -17.57
N LEU A 232 25.71 0.82 -17.16
CA LEU A 232 25.41 1.88 -18.13
C LEU A 232 25.60 3.28 -17.58
N THR A 233 25.52 4.24 -18.50
CA THR A 233 25.57 5.64 -18.19
C THR A 233 24.24 6.25 -18.62
N LEU A 234 23.63 6.98 -17.69
CA LEU A 234 22.45 7.76 -17.93
C LEU A 234 22.96 9.11 -18.43
N ASP A 235 22.85 9.33 -19.75
CA ASP A 235 23.24 10.57 -20.39
C ASP A 235 22.23 11.65 -20.06
N LEU A 236 22.70 12.89 -20.07
CA LEU A 236 21.82 14.06 -19.93
C LEU A 236 20.79 14.06 -21.07
N GLY A 237 19.58 14.49 -20.75
CA GLY A 237 18.52 14.54 -21.73
C GLY A 237 18.53 15.81 -22.56
N THR A 238 17.72 15.84 -23.61
CA THR A 238 17.58 17.01 -24.45
C THR A 238 16.09 17.26 -24.63
N VAL A 239 15.68 18.53 -24.70
CA VAL A 239 14.29 18.89 -24.94
C VAL A 239 13.84 18.55 -26.38
N VAL A 240 12.71 17.87 -26.53
CA VAL A 240 12.25 17.49 -27.86
C VAL A 240 10.89 18.10 -28.23
N PHE A 241 10.23 18.67 -27.23
CA PHE A 241 9.00 19.44 -27.46
C PHE A 241 8.77 20.31 -26.24
N ASP A 242 8.76 21.63 -26.46
CA ASP A 242 8.56 22.59 -25.38
C ASP A 242 7.12 23.09 -25.44
N TYR A 243 6.32 22.67 -24.45
CA TYR A 243 4.91 23.01 -24.46
C TYR A 243 4.73 24.49 -24.27
N LEU A 244 5.78 25.16 -23.75
CA LEU A 244 5.69 26.54 -23.37
C LEU A 244 6.17 27.43 -24.52
N LYS B 2 -4.76 16.23 -24.38
CA LYS B 2 -4.38 17.03 -25.52
C LYS B 2 -3.25 17.99 -25.17
N GLN B 3 -2.48 18.36 -26.19
CA GLN B 3 -1.30 19.20 -26.04
C GLN B 3 -1.51 20.42 -25.16
N GLN B 4 -2.58 21.18 -25.40
CA GLN B 4 -2.80 22.40 -24.60
C GLN B 4 -3.52 22.15 -23.27
N GLU B 5 -4.06 20.94 -23.09
CA GLU B 5 -4.44 20.45 -21.75
C GLU B 5 -3.17 20.41 -20.91
N VAL B 6 -2.12 19.81 -21.45
CA VAL B 6 -0.85 19.66 -20.74
C VAL B 6 -0.33 21.01 -20.20
N ARG B 7 -0.25 22.03 -21.05
CA ARG B 7 0.36 23.28 -20.62
C ARG B 7 -0.53 24.14 -19.71
N GLN B 8 -1.82 23.82 -19.65
CA GLN B 8 -2.76 24.51 -18.74
C GLN B 8 -3.02 23.67 -17.49
N ARG B 9 -2.84 22.36 -17.58
CA ARG B 9 -3.03 21.47 -16.43
C ARG B 9 -1.75 21.32 -15.60
N ALA B 10 -0.60 21.24 -16.27
CA ALA B 10 0.70 21.06 -15.62
C ALA B 10 0.93 21.91 -14.38
N PHE B 11 1.14 21.23 -13.27
CA PHE B 11 1.55 21.86 -12.00
C PHE B 11 2.84 21.19 -11.51
N ALA B 12 2.75 19.91 -11.20
CA ALA B 12 3.92 19.16 -10.73
C ALA B 12 3.94 17.78 -11.37
N PRO B 14 4.35 13.63 -11.17
CA PRO B 14 3.78 13.24 -12.47
C PRO B 14 2.52 14.02 -12.78
N LEU B 15 2.44 14.53 -14.02
CA LEU B 15 1.30 15.33 -14.48
C LEU B 15 -0.05 14.81 -13.99
N THR B 16 -0.23 13.49 -14.01
CA THR B 16 -1.54 12.89 -13.72
C THR B 16 -1.70 12.46 -12.29
N SER B 17 -0.63 12.59 -11.52
CA SER B 17 -0.70 12.28 -10.10
C SER B 17 0.39 13.06 -9.37
N PRO B 18 0.29 14.40 -9.39
CA PRO B 18 1.38 15.28 -8.95
C PRO B 18 1.93 14.94 -7.57
N ALA B 19 3.22 15.15 -7.42
CA ALA B 19 3.95 14.69 -6.26
C ALA B 19 3.58 15.48 -5.02
N PHE B 20 2.95 16.63 -5.25
CA PHE B 20 2.39 17.50 -4.23
C PHE B 20 1.28 18.33 -4.87
N PRO B 21 0.26 18.68 -4.08
CA PRO B 21 -0.87 19.47 -4.53
C PRO B 21 -0.62 20.95 -4.41
N PRO B 22 -1.47 21.76 -5.09
CA PRO B 22 -1.44 23.19 -4.86
C PRO B 22 -2.02 23.46 -3.50
N GLY B 23 -1.63 24.58 -2.91
CA GLY B 23 -2.17 25.00 -1.64
C GLY B 23 -3.58 25.57 -1.74
N PRO B 24 -3.94 26.52 -0.85
CA PRO B 24 -3.13 27.08 0.25
C PRO B 24 -2.44 26.00 1.08
N TYR B 25 -1.29 26.32 1.63
CA TYR B 25 -0.60 25.38 2.49
C TYR B 25 -0.80 25.80 3.94
N ARG B 26 -1.74 25.14 4.62
CA ARG B 26 -2.10 25.56 5.97
C ARG B 26 -1.44 24.64 7.00
N PHE B 27 -0.90 25.23 8.07
CA PHE B 27 -0.25 24.43 9.11
C PHE B 27 -0.92 24.71 10.45
N VAL B 28 -1.42 23.66 11.08
CA VAL B 28 -1.99 23.75 12.40
C VAL B 28 -1.00 23.12 13.39
N ASN B 29 -0.79 23.80 14.49
CA ASN B 29 0.07 23.32 15.57
C ASN B 29 1.51 23.04 15.19
N ARG B 30 2.10 23.87 14.33
CA ARG B 30 3.55 23.80 14.20
C ARG B 30 4.21 24.15 15.52
N GLU B 31 5.12 23.36 15.92
CA GLU B 31 5.91 23.58 17.01
C GLU B 31 7.32 23.76 16.78
N TYR B 32 7.88 24.88 17.20
CA TYR B 32 9.26 25.29 16.97
C TYR B 32 10.15 25.20 18.21
N ILE B 34 13.88 26.94 18.61
CA ILE B 34 14.89 27.68 17.84
C ILE B 34 16.01 28.05 18.75
N ILE B 35 17.21 27.57 18.43
CA ILE B 35 18.41 27.90 19.19
C ILE B 35 19.18 28.92 18.33
N THR B 36 19.27 30.15 18.84
CA THR B 36 19.98 31.22 18.14
C THR B 36 21.42 31.23 18.63
N TYR B 37 22.36 31.07 17.73
CA TYR B 37 23.77 31.08 18.14
C TYR B 37 24.63 32.02 17.33
N ARG B 38 25.66 32.57 17.96
CA ARG B 38 26.66 33.42 17.30
C ARG B 38 27.70 32.54 16.62
N THR B 39 28.05 32.91 15.40
CA THR B 39 29.03 32.14 14.64
C THR B 39 30.15 33.02 14.07
N ASP B 40 31.05 32.39 13.33
CA ASP B 40 32.14 33.11 12.65
C ASP B 40 31.53 33.93 11.50
N PRO B 41 31.69 35.27 11.54
CA PRO B 41 31.08 36.07 10.48
C PRO B 41 31.61 35.66 9.10
N ALA B 42 32.79 35.07 9.08
CA ALA B 42 33.48 34.71 7.85
C ALA B 42 32.87 33.45 7.24
N ALA B 43 32.31 32.58 8.08
CA ALA B 43 31.58 31.42 7.59
C ALA B 43 30.24 31.83 6.99
N ILE B 44 29.64 32.90 7.50
CA ILE B 44 28.37 33.40 6.95
C ILE B 44 28.63 34.03 5.59
N GLU B 45 29.66 34.89 5.51
CA GLU B 45 29.98 35.59 4.28
C GLU B 45 30.27 34.61 3.15
N ALA B 46 30.87 33.48 3.50
CA ALA B 46 31.27 32.45 2.54
C ALA B 46 30.07 31.81 1.85
N VAL B 47 28.91 31.81 2.50
CA VAL B 47 27.73 31.16 1.93
C VAL B 47 26.64 32.13 1.48
N LEU B 48 26.76 33.40 1.85
CA LEU B 48 25.67 34.32 1.55
C LEU B 48 25.76 34.84 0.11
N PRO B 49 24.74 34.52 -0.73
CA PRO B 49 24.79 35.00 -2.12
C PRO B 49 24.38 36.47 -2.24
N GLU B 50 25.26 37.32 -2.77
CA GLU B 50 24.85 38.69 -3.08
C GLU B 50 23.77 38.59 -4.16
N PRO B 51 22.78 39.52 -4.18
CA PRO B 51 22.62 40.79 -3.42
C PRO B 51 22.14 40.73 -1.96
N LEU B 52 22.01 39.53 -1.38
CA LEU B 52 21.75 39.42 0.07
C LEU B 52 22.94 39.95 0.85
N GLN B 53 22.69 40.64 1.95
CA GLN B 53 23.78 41.09 2.81
C GLN B 53 23.62 40.54 4.21
N ALA B 55 23.68 40.31 8.30
CA ALA B 55 23.34 41.20 9.39
C ALA B 55 24.16 40.59 10.52
N GLU B 56 23.62 40.54 11.73
CA GLU B 56 24.35 39.97 12.87
C GLU B 56 25.03 38.66 12.45
N PRO B 57 26.17 38.32 13.07
CA PRO B 57 26.81 37.06 12.76
C PRO B 57 26.22 35.90 13.61
N VAL B 58 24.91 35.66 13.45
CA VAL B 58 24.17 34.66 14.22
C VAL B 58 23.48 33.63 13.28
N VAL B 59 23.21 32.45 13.81
CA VAL B 59 22.41 31.43 13.11
C VAL B 59 21.23 31.08 14.01
N ARG B 60 20.04 30.99 13.39
CA ARG B 60 18.88 30.47 14.03
C ARG B 60 18.80 28.99 13.64
N TYR B 61 19.16 28.11 14.57
CA TYR B 61 19.00 26.67 14.32
C TYR B 61 17.60 26.16 14.77
N GLU B 62 16.85 25.59 13.80
CA GLU B 62 15.43 25.20 14.01
C GLU B 62 15.26 23.69 14.03
N PHE B 63 14.40 23.24 14.94
CA PHE B 63 13.79 21.91 14.92
C PHE B 63 12.31 22.22 14.95
N ILE B 64 11.55 21.72 13.98
CA ILE B 64 10.15 22.07 13.84
C ILE B 64 9.32 20.82 13.60
N ARG B 65 8.22 20.71 14.35
CA ARG B 65 7.20 19.67 14.18
C ARG B 65 6.01 20.24 13.37
N PRO B 67 2.64 18.54 12.51
CA PRO B 67 1.81 17.34 12.60
C PRO B 67 0.59 17.37 11.70
N ASP B 68 0.24 18.54 11.17
CA ASP B 68 -1.01 18.73 10.44
C ASP B 68 -0.74 19.77 9.37
N SER B 69 -0.47 19.29 8.17
CA SER B 69 -0.03 20.15 7.07
C SER B 69 -0.83 19.83 5.81
N THR B 70 -1.66 20.78 5.36
CA THR B 70 -2.50 20.52 4.20
C THR B 70 -1.69 20.12 2.96
N GLY B 71 -2.10 19.04 2.31
CA GLY B 71 -1.41 18.53 1.12
C GLY B 71 -0.11 17.78 1.36
N PHE B 72 0.48 17.97 2.55
CA PHE B 72 1.81 17.42 2.86
C PHE B 72 1.78 16.29 3.90
N GLY B 73 0.92 16.42 4.91
CA GLY B 73 0.77 15.37 5.93
C GLY B 73 1.29 15.74 7.31
N ASP B 74 1.92 14.77 7.97
CA ASP B 74 2.41 14.97 9.32
C ASP B 74 3.93 14.72 9.32
N TYR B 75 4.72 15.69 9.73
CA TYR B 75 6.17 15.52 9.59
C TYR B 75 7.00 16.49 10.43
N SER B 76 8.32 16.35 10.30
CA SER B 76 9.26 17.16 11.07
C SER B 76 10.35 17.71 10.16
N GLU B 77 10.96 18.81 10.62
CA GLU B 77 11.94 19.54 9.85
C GLU B 77 13.03 20.03 10.79
N SER B 78 14.24 20.15 10.27
CA SER B 78 15.26 20.85 11.01
C SER B 78 16.00 21.76 10.03
N GLY B 79 16.64 22.84 10.49
CA GLY B 79 17.35 23.70 9.54
C GLY B 79 18.12 24.89 10.08
N GLN B 80 18.85 25.57 9.17
CA GLN B 80 19.73 26.68 9.50
C GLN B 80 19.28 27.89 8.76
N VAL B 81 18.96 28.94 9.53
CA VAL B 81 18.42 30.19 8.99
C VAL B 81 19.31 31.31 9.49
N ILE B 82 19.53 32.31 8.62
CA ILE B 82 20.45 33.44 8.91
C ILE B 82 19.73 34.80 8.70
N PRO B 83 19.88 35.74 9.65
CA PRO B 83 19.36 37.09 9.43
C PRO B 83 20.11 37.79 8.29
N VAL B 84 19.35 38.50 7.47
CA VAL B 84 19.85 39.07 6.24
C VAL B 84 19.16 40.41 5.94
N THR B 85 19.73 41.23 5.05
CA THR B 85 18.95 42.32 4.49
C THR B 85 19.06 42.23 2.98
N PHE B 86 17.97 42.62 2.33
CA PHE B 86 17.99 42.71 0.90
C PHE B 86 17.46 44.11 0.52
N ARG B 87 18.24 44.86 -0.25
CA ARG B 87 17.90 46.26 -0.57
C ARG B 87 17.53 47.01 0.70
N GLY B 88 18.30 46.79 1.75
CA GLY B 88 18.05 47.37 3.07
C GLY B 88 16.93 46.82 3.95
N GLU B 89 16.08 46.00 3.51
CA GLU B 89 15.10 45.40 4.29
C GLU B 89 15.53 44.16 5.06
N ARG B 90 15.25 44.13 6.35
CA ARG B 90 15.67 43.00 7.17
C ARG B 90 14.78 41.76 6.89
N GLY B 91 15.42 40.62 6.65
CA GLY B 91 14.69 39.35 6.48
C GLY B 91 15.53 38.16 6.92
N SER B 92 15.19 36.98 6.40
CA SER B 92 15.92 35.74 6.69
C SER B 92 16.45 35.07 5.43
N TYR B 93 17.41 34.18 5.61
CA TYR B 93 17.87 33.39 4.53
C TYR B 93 17.94 31.94 5.05
N THR B 94 17.31 31.01 4.35
CA THR B 94 17.35 29.57 4.69
C THR B 94 18.50 28.89 3.94
N LEU B 95 19.46 28.46 4.72
CA LEU B 95 20.68 27.87 4.19
C LEU B 95 20.53 26.37 3.95
N ALA B 96 19.88 25.68 4.90
CA ALA B 96 19.82 24.24 4.88
C ALA B 96 18.55 23.83 5.61
N PHE B 98 16.09 20.00 6.44
CA PHE B 98 16.02 18.54 6.33
C PHE B 98 14.66 18.06 6.81
N LEU B 99 14.02 17.17 6.04
CA LEU B 99 12.64 16.70 6.35
C LEU B 99 12.53 15.21 6.13
N ASP B 100 11.52 14.62 6.78
CA ASP B 100 11.23 13.18 6.72
C ASP B 100 9.93 12.82 5.92
N ASP B 101 9.58 13.59 4.92
CA ASP B 101 8.33 13.36 4.21
C ASP B 101 8.58 13.98 2.83
N GLN B 102 8.24 13.23 1.76
CA GLN B 102 8.64 13.55 0.38
C GLN B 102 7.85 14.69 -0.24
N PRO B 103 6.50 14.63 -0.18
CA PRO B 103 5.73 15.74 -0.78
C PRO B 103 6.18 17.13 -0.36
N PRO B 104 6.38 17.38 0.97
CA PRO B 104 6.88 18.74 1.27
C PRO B 104 8.33 19.00 0.87
N LEU B 105 9.09 17.94 0.64
CA LEU B 105 10.49 18.08 0.23
C LEU B 105 10.53 18.48 -1.25
N ALA B 106 9.93 17.67 -2.12
CA ALA B 106 9.79 18.04 -3.51
C ALA B 106 9.06 19.35 -3.67
N GLY B 107 7.90 19.48 -3.03
CA GLY B 107 7.14 20.73 -3.10
C GLY B 107 7.88 21.94 -2.62
N GLY B 108 8.51 21.85 -1.44
CA GLY B 108 9.37 22.92 -0.94
C GLY B 108 10.42 23.37 -1.97
N ARG B 109 11.14 22.39 -2.52
CA ARG B 109 12.20 22.65 -3.50
C ARG B 109 11.65 23.21 -4.83
N GLU B 110 10.59 22.59 -5.39
CA GLU B 110 10.26 22.89 -6.78
C GLU B 110 9.36 24.11 -6.92
N LEU B 111 8.59 24.40 -5.87
CA LEU B 111 7.69 25.55 -5.88
C LEU B 111 8.39 26.82 -5.34
N TRP B 112 8.69 26.87 -4.02
CA TRP B 112 9.34 28.04 -3.43
C TRP B 112 10.81 28.11 -3.71
N GLY B 113 11.47 26.97 -3.67
CA GLY B 113 12.93 26.89 -3.64
C GLY B 113 13.55 26.88 -2.24
N PHE B 114 12.90 26.19 -1.30
CA PHE B 114 13.55 25.78 -0.05
C PHE B 114 14.66 24.76 -0.32
N PRO B 115 15.82 24.95 0.32
CA PRO B 115 17.02 24.16 0.08
C PRO B 115 16.99 22.79 0.80
N LYS B 116 15.93 22.01 0.55
CA LYS B 116 15.60 20.82 1.32
C LYS B 116 16.40 19.56 0.98
N LYS B 117 16.79 18.82 2.01
CA LYS B 117 17.33 17.48 1.82
C LYS B 117 16.55 16.52 2.74
N ALA B 118 16.85 15.23 2.65
CA ALA B 118 16.19 14.24 3.52
C ALA B 118 16.97 14.17 4.83
N GLY B 119 16.30 13.79 5.92
CA GLY B 119 16.96 13.46 7.18
C GLY B 119 15.91 13.05 8.18
N LYS B 120 16.28 12.86 9.45
CA LYS B 120 15.27 12.41 10.40
C LYS B 120 15.32 13.36 11.58
N PRO B 121 14.53 14.48 11.51
CA PRO B 121 14.40 15.39 12.63
C PRO B 121 13.42 14.85 13.64
N ARG B 122 13.66 15.17 14.90
CA ARG B 122 12.73 14.82 15.96
C ARG B 122 12.71 15.99 16.94
N LEU B 123 11.54 16.23 17.53
CA LEU B 123 11.40 17.17 18.59
C LEU B 123 10.44 16.59 19.65
N GLU B 124 10.95 16.36 20.87
CA GLU B 124 10.20 15.64 21.90
C GLU B 124 10.56 16.10 23.30
N VAL B 125 9.60 16.11 24.20
CA VAL B 125 9.84 16.36 25.61
C VAL B 125 10.27 15.05 26.25
N HIS B 126 11.40 15.06 26.96
CA HIS B 126 11.81 13.92 27.75
C HIS B 126 11.91 14.38 29.17
N GLN B 127 10.79 14.20 29.90
CA GLN B 127 10.64 14.64 31.28
C GLN B 127 10.88 16.15 31.17
N ASP B 128 11.95 16.64 31.75
CA ASP B 128 12.17 18.09 32.00
C ASP B 128 12.74 18.90 30.81
N THR B 129 13.03 18.21 29.71
CA THR B 129 13.89 18.76 28.66
C THR B 129 13.19 18.59 27.30
N LEU B 130 13.09 19.69 26.55
CA LEU B 130 12.72 19.67 25.14
C LEU B 130 13.98 19.36 24.37
N VAL B 131 13.93 18.29 23.59
CA VAL B 131 15.12 17.77 22.89
C VAL B 131 14.82 17.75 21.38
N GLY B 132 15.63 18.44 20.59
CA GLY B 132 15.59 18.41 19.13
C GLY B 132 16.83 17.66 18.68
N SER B 133 16.67 16.80 17.68
CA SER B 133 17.81 16.07 17.15
C SER B 133 17.64 15.96 15.65
N LEU B 134 18.75 15.86 14.94
CA LEU B 134 18.70 15.64 13.51
C LEU B 134 19.74 14.58 13.13
N ASP B 135 19.27 13.50 12.50
CA ASP B 135 20.11 12.41 12.07
C ASP B 135 20.06 12.42 10.55
N PHE B 136 21.17 12.07 9.91
CA PHE B 136 21.24 12.00 8.44
C PHE B 136 21.78 10.60 8.21
N GLY B 137 20.92 9.70 7.72
CA GLY B 137 21.21 8.26 7.87
C GLY B 137 21.64 7.94 9.31
N PRO B 138 22.74 7.16 9.50
CA PRO B 138 23.13 6.78 10.86
C PRO B 138 23.96 7.80 11.63
N VAL B 139 24.13 9.01 11.10
CA VAL B 139 24.98 9.97 11.77
C VAL B 139 24.16 11.07 12.43
N ARG B 140 24.38 11.34 13.72
CA ARG B 140 23.74 12.51 14.37
C ARG B 140 24.49 13.76 13.92
N ILE B 141 23.77 14.75 13.41
CA ILE B 141 24.44 15.97 12.97
C ILE B 141 24.00 17.16 13.82
N ALA B 142 22.83 17.09 14.45
CA ALA B 142 22.42 18.17 15.38
C ALA B 142 21.63 17.73 16.60
N THR B 143 22.03 18.20 17.77
CA THR B 143 21.30 17.99 19.03
C THR B 143 21.10 19.29 19.77
N GLY B 144 19.84 19.66 19.98
CA GLY B 144 19.57 20.87 20.72
C GLY B 144 18.77 20.54 21.95
N THR B 145 18.92 21.34 23.01
CA THR B 145 18.17 21.08 24.24
C THR B 145 17.66 22.39 24.85
N GLY B 147 15.26 23.88 28.47
CA GLY B 147 14.38 23.72 29.61
C GLY B 147 12.95 23.86 29.09
N TYR B 148 11.97 23.55 29.93
CA TYR B 148 10.59 23.50 29.47
C TYR B 148 9.77 24.72 29.91
N LYS B 149 9.49 25.60 28.99
CA LYS B 149 8.61 26.72 29.23
C LYS B 149 8.94 27.49 30.52
N TYR B 150 10.18 27.88 30.66
CA TYR B 150 10.59 28.65 31.81
C TYR B 150 9.88 29.98 31.96
N GLU B 151 9.77 30.75 30.91
CA GLU B 151 9.04 32.02 30.92
C GLU B 151 8.33 32.38 29.64
N ALA B 152 7.13 32.90 29.77
CA ALA B 152 6.32 33.31 28.64
C ALA B 152 7.03 34.39 27.83
N LEU B 153 6.85 34.36 26.53
CA LEU B 153 7.55 35.28 25.68
C LEU B 153 6.59 36.37 25.22
N ASP B 154 7.15 37.50 24.82
CA ASP B 154 6.36 38.62 24.31
C ASP B 154 5.94 38.23 22.90
N ARG B 155 4.65 37.91 22.79
CA ARG B 155 4.11 37.34 21.58
C ARG B 155 4.02 38.36 20.48
N SER B 156 3.61 39.56 20.83
CA SER B 156 3.44 40.63 19.86
C SER B 156 4.78 40.85 19.17
N ALA B 157 5.86 40.88 19.95
CA ALA B 157 7.21 40.92 19.36
C ALA B 157 7.51 39.70 18.47
N LEU B 158 7.22 38.48 18.94
CA LEU B 158 7.40 37.27 18.12
C LEU B 158 6.72 37.36 16.75
N LEU B 159 5.40 37.55 16.76
CA LEU B 159 4.60 37.81 15.57
C LEU B 159 5.27 38.83 14.65
N ALA B 160 6.10 39.70 15.23
CA ALA B 160 6.86 40.68 14.46
C ALA B 160 7.96 40.00 13.64
N SER B 161 8.78 39.19 14.31
CA SER B 161 9.77 38.35 13.63
C SER B 161 9.16 37.54 12.47
N LEU B 162 7.92 37.07 12.64
CA LEU B 162 7.25 36.18 11.70
C LEU B 162 6.54 36.91 10.54
N ALA B 163 6.56 38.25 10.60
CA ALA B 163 6.02 39.10 9.54
C ALA B 163 7.13 39.46 8.56
N GLU B 164 8.38 39.43 9.03
CA GLU B 164 9.54 39.69 8.17
C GLU B 164 9.52 38.79 6.93
N PRO B 165 10.08 39.30 5.82
CA PRO B 165 10.28 38.48 4.62
C PRO B 165 11.30 37.36 4.84
N ASN B 166 11.01 36.23 4.23
CA ASN B 166 11.92 35.10 4.17
C ASN B 166 12.44 35.00 2.76
N PHE B 167 13.76 34.96 2.61
CA PHE B 167 14.37 34.86 1.30
C PHE B 167 14.99 33.49 1.01
N LEU B 168 14.84 33.04 -0.24
CA LEU B 168 15.34 31.74 -0.70
C LEU B 168 16.11 31.90 -1.99
N LEU B 169 17.17 31.14 -2.19
CA LEU B 169 17.72 31.11 -3.52
C LEU B 169 17.24 29.88 -4.31
N LYS B 170 16.30 30.07 -5.23
CA LYS B 170 15.78 28.97 -6.04
C LYS B 170 16.69 28.68 -7.24
N ILE B 171 17.13 27.42 -7.35
CA ILE B 171 17.97 26.96 -8.44
C ILE B 171 17.35 25.66 -8.97
N ILE B 172 16.97 25.67 -10.23
CA ILE B 172 16.63 24.42 -10.93
C ILE B 172 17.54 24.30 -12.17
N PRO B 173 18.15 23.12 -12.37
CA PRO B 173 18.92 22.86 -13.60
C PRO B 173 18.06 22.62 -14.83
N HIS B 174 18.60 23.07 -15.97
CA HIS B 174 18.07 22.72 -17.28
C HIS B 174 18.53 21.31 -17.51
N VAL B 175 17.94 20.63 -18.50
CA VAL B 175 18.34 19.26 -18.79
C VAL B 175 19.86 19.10 -19.03
N ASP B 176 20.53 20.17 -19.47
CA ASP B 176 21.97 20.09 -19.82
C ASP B 176 22.84 20.45 -18.65
N GLY B 177 22.23 20.76 -17.51
CA GLY B 177 23.02 21.02 -16.29
C GLY B 177 23.34 22.47 -16.02
N SER B 178 23.09 23.38 -16.96
CA SER B 178 23.23 24.81 -16.69
C SER B 178 21.92 25.28 -16.01
N PRO B 179 21.96 26.34 -15.19
CA PRO B 179 20.73 26.72 -14.46
C PRO B 179 19.59 27.24 -15.35
N ARG B 180 18.41 26.66 -15.16
CA ARG B 180 17.23 27.05 -15.91
C ARG B 180 16.44 28.08 -15.11
N ILE B 181 16.44 27.92 -13.80
CA ILE B 181 15.88 28.88 -12.85
C ILE B 181 17.00 29.18 -11.86
N CYS B 182 17.24 30.47 -11.60
CA CYS B 182 18.18 30.91 -10.56
C CYS B 182 17.78 32.29 -10.08
N GLU B 183 17.07 32.34 -8.96
CA GLU B 183 16.40 33.56 -8.54
C GLU B 183 16.28 33.68 -7.04
N LEU B 184 16.27 34.90 -6.52
CA LEU B 184 15.87 35.12 -5.13
C LEU B 184 14.39 35.25 -5.00
N VAL B 185 13.85 34.52 -4.03
CA VAL B 185 12.42 34.38 -3.81
C VAL B 185 12.04 34.90 -2.43
N ARG B 186 10.97 35.69 -2.34
CA ARG B 186 10.51 36.28 -1.06
C ARG B 186 9.22 35.60 -0.75
N TYR B 187 9.05 35.10 0.48
CA TYR B 187 7.77 34.48 0.87
C TYR B 187 7.43 34.90 2.29
N HIS B 188 6.16 34.95 2.63
CA HIS B 188 5.73 35.25 3.98
C HIS B 188 4.94 34.10 4.56
N THR B 189 4.97 34.01 5.89
CA THR B 189 4.04 33.19 6.63
C THR B 189 2.94 34.15 7.02
N THR B 190 1.70 33.84 6.68
CA THR B 190 0.59 34.72 7.01
C THR B 190 -0.50 34.00 7.79
N ASP B 191 -1.54 34.76 8.12
CA ASP B 191 -2.61 34.33 8.99
C ASP B 191 -2.07 33.56 10.20
N VAL B 192 -1.13 34.17 10.92
CA VAL B 192 -0.45 33.52 12.04
C VAL B 192 -1.29 33.62 13.32
N ALA B 193 -1.46 32.48 13.99
CA ALA B 193 -1.94 32.46 15.37
C ALA B 193 -0.90 31.80 16.32
N ILE B 194 -0.36 32.57 17.26
CA ILE B 194 0.54 32.04 18.29
C ILE B 194 -0.28 31.42 19.41
N LYS B 195 -0.07 30.12 19.67
CA LYS B 195 -0.84 29.44 20.71
C LYS B 195 -0.13 29.54 22.05
N GLY B 196 1.20 29.66 21.99
CA GLY B 196 2.06 29.89 23.15
C GLY B 196 3.48 30.13 22.70
N ALA B 197 4.29 30.69 23.59
CA ALA B 197 5.66 31.06 23.25
C ALA B 197 6.48 31.21 24.53
N TRP B 198 7.63 30.53 24.59
CA TRP B 198 8.40 30.52 25.82
C TRP B 198 9.88 30.63 25.58
N SER B 199 10.58 30.97 26.64
CA SER B 199 12.03 31.05 26.65
C SER B 199 12.50 30.12 27.76
N ALA B 200 13.76 29.70 27.69
CA ALA B 200 14.36 28.80 28.66
C ALA B 200 15.80 28.63 28.22
N PRO B 201 16.69 28.19 29.13
CA PRO B 201 18.06 27.92 28.73
C PRO B 201 18.11 26.94 27.54
N GLY B 202 19.19 27.02 26.76
CA GLY B 202 19.31 26.25 25.52
C GLY B 202 20.73 25.75 25.33
N SER B 203 20.91 24.75 24.47
CA SER B 203 22.22 24.17 24.16
C SER B 203 22.11 23.75 22.71
N LEU B 204 23.25 23.65 22.04
CA LEU B 204 23.27 23.15 20.69
C LEU B 204 24.62 22.51 20.41
N GLU B 205 24.60 21.29 19.89
CA GLU B 205 25.83 20.66 19.42
C GLU B 205 25.64 20.21 17.98
N LEU B 206 26.62 20.52 17.13
CA LEU B 206 26.59 20.11 15.71
C LEU B 206 27.74 19.17 15.39
N HIS B 207 27.55 18.30 14.41
CA HIS B 207 28.59 17.36 14.02
C HIS B 207 28.77 17.47 12.51
N PRO B 208 30.00 17.31 12.01
CA PRO B 208 30.27 17.34 10.59
C PRO B 208 29.56 16.24 9.78
N HIS B 209 29.24 16.57 8.54
CA HIS B 209 28.75 15.57 7.61
C HIS B 209 29.02 16.08 6.24
N ALA B 210 29.52 15.20 5.36
CA ALA B 210 29.95 15.61 4.02
C ALA B 210 28.78 16.14 3.21
N LEU B 211 27.59 15.63 3.53
CA LEU B 211 26.39 15.87 2.74
C LEU B 211 25.35 16.71 3.49
N ALA B 212 25.63 17.03 4.74
CA ALA B 212 24.75 17.85 5.58
C ALA B 212 25.63 18.78 6.41
N PRO B 213 26.24 19.79 5.75
CA PRO B 213 27.28 20.57 6.40
C PRO B 213 26.84 21.65 7.39
N VAL B 214 25.91 21.34 8.29
CA VAL B 214 25.42 22.36 9.24
C VAL B 214 26.54 22.90 10.14
N ALA B 215 27.51 22.04 10.43
CA ALA B 215 28.62 22.36 11.33
C ALA B 215 29.63 23.35 10.74
N ALA B 216 29.50 23.60 9.44
CA ALA B 216 30.23 24.65 8.72
C ALA B 216 29.94 26.02 9.29
N LEU B 217 28.79 26.19 9.94
CA LEU B 217 28.52 27.41 10.70
C LEU B 217 28.65 27.06 12.20
N PRO B 218 29.87 27.21 12.76
CA PRO B 218 30.17 26.70 14.09
C PRO B 218 29.48 27.45 15.24
N VAL B 219 29.06 26.69 16.24
CA VAL B 219 28.41 27.23 17.43
C VAL B 219 29.51 27.76 18.32
N LEU B 220 29.71 29.08 18.25
CA LEU B 220 30.74 29.71 19.09
C LEU B 220 30.13 30.03 20.46
N GLU B 221 28.94 30.61 20.46
CA GLU B 221 28.23 30.87 21.70
C GLU B 221 26.72 30.83 21.45
N VAL B 222 25.97 30.14 22.32
CA VAL B 222 24.51 30.08 22.18
C VAL B 222 23.99 31.36 22.82
N LEU B 223 23.05 32.04 22.18
CA LEU B 223 22.63 33.35 22.64
C LEU B 223 21.25 33.30 23.24
N SER B 224 20.36 32.53 22.62
CA SER B 224 18.98 32.42 23.12
C SER B 224 18.32 31.13 22.68
N ALA B 225 17.23 30.77 23.36
CA ALA B 225 16.40 29.66 22.90
C ALA B 225 14.94 30.04 23.02
N ARG B 226 14.17 29.74 21.99
CA ARG B 226 12.73 30.01 21.99
C ARG B 226 12.00 28.74 21.62
N HIS B 227 10.82 28.57 22.19
CA HIS B 227 9.93 27.41 21.92
C HIS B 227 8.56 28.02 21.73
N PHE B 228 7.90 27.74 20.61
CA PHE B 228 6.53 28.24 20.36
C PHE B 228 5.65 27.31 19.53
N VAL B 229 4.33 27.44 19.66
CA VAL B 229 3.37 26.65 18.91
C VAL B 229 2.44 27.61 18.15
N CYS B 230 2.17 27.34 16.87
CA CYS B 230 1.33 28.23 16.07
C CYS B 230 0.59 27.55 14.93
N ASP B 231 -0.40 28.25 14.37
CA ASP B 231 -0.98 27.88 13.09
C ASP B 231 -0.50 28.97 12.14
N LEU B 232 -0.30 28.63 10.88
CA LEU B 232 0.13 29.62 9.90
C LEU B 232 -0.09 29.13 8.48
N THR B 233 -0.15 30.07 7.56
CA THR B 233 -0.23 29.77 6.15
C THR B 233 1.09 30.15 5.50
N LEU B 234 1.65 29.19 4.78
CA LEU B 234 2.82 29.41 3.97
C LEU B 234 2.31 29.94 2.63
N ASP B 235 2.46 31.25 2.39
CA ASP B 235 2.02 31.81 1.13
C ASP B 235 3.03 31.54 0.03
N LEU B 236 2.58 31.59 -1.20
CA LEU B 236 3.48 31.46 -2.36
C LEU B 236 4.49 32.59 -2.41
N GLY B 237 5.71 32.28 -2.87
CA GLY B 237 6.74 33.27 -2.91
C GLY B 237 6.64 34.14 -4.15
N THR B 238 7.41 35.22 -4.14
CA THR B 238 7.57 36.09 -5.32
C THR B 238 9.05 36.16 -5.73
N VAL B 239 9.35 36.39 -7.00
CA VAL B 239 10.75 36.58 -7.42
C VAL B 239 11.18 38.01 -7.10
N VAL B 240 12.23 38.20 -6.32
CA VAL B 240 12.68 39.57 -6.03
C VAL B 240 13.99 39.94 -6.74
N PHE B 241 14.65 38.91 -7.29
CA PHE B 241 15.86 39.06 -8.06
C PHE B 241 16.11 37.81 -8.89
N ASP B 242 16.19 38.01 -10.21
CA ASP B 242 16.46 36.94 -11.14
C ASP B 242 17.87 37.04 -11.70
N TYR B 243 18.73 36.13 -11.28
CA TYR B 243 20.13 36.10 -11.72
C TYR B 243 20.28 35.88 -13.24
N LEU B 244 19.27 35.26 -13.85
CA LEU B 244 19.27 34.95 -15.28
C LEU B 244 18.54 36.03 -16.08
N LYS C 2 -36.09 -6.96 45.03
CA LYS C 2 -37.52 -7.21 44.89
C LYS C 2 -37.91 -7.22 43.43
N GLN C 3 -38.77 -8.17 43.08
CA GLN C 3 -39.24 -8.36 41.70
C GLN C 3 -39.65 -7.07 40.98
N GLN C 4 -40.22 -6.14 41.73
CA GLN C 4 -40.67 -4.84 41.19
C GLN C 4 -39.50 -3.91 40.84
N GLU C 5 -38.53 -3.83 41.74
CA GLU C 5 -37.35 -2.99 41.57
C GLU C 5 -36.42 -3.52 40.47
N VAL C 6 -36.48 -4.82 40.21
CA VAL C 6 -35.76 -5.42 39.09
C VAL C 6 -36.23 -4.78 37.78
N ARG C 7 -37.54 -4.80 37.55
CA ARG C 7 -38.13 -4.15 36.37
C ARG C 7 -37.76 -2.67 36.27
N GLN C 8 -37.76 -2.01 37.42
CA GLN C 8 -37.47 -0.59 37.58
C GLN C 8 -36.00 -0.28 37.30
N ARG C 9 -35.14 -1.27 37.65
CA ARG C 9 -33.70 -1.09 37.48
C ARG C 9 -33.14 -1.63 36.16
N ALA C 10 -33.75 -2.59 35.62
CA ALA C 10 -33.23 -3.26 34.42
C ALA C 10 -32.97 -2.34 33.23
N PHE C 11 -31.74 -2.37 32.72
CA PHE C 11 -31.35 -1.62 31.52
C PHE C 11 -30.63 -2.56 30.55
N ALA C 12 -29.51 -3.13 31.01
CA ALA C 12 -28.73 -4.11 30.24
C ALA C 12 -28.12 -5.17 31.16
N PRO C 14 -25.01 -7.41 32.71
CA PRO C 14 -25.57 -7.84 33.98
C PRO C 14 -26.41 -6.76 34.64
N LEU C 15 -27.59 -7.15 35.14
CA LEU C 15 -28.40 -6.25 35.97
C LEU C 15 -27.56 -5.31 36.87
N THR C 16 -26.78 -5.86 37.78
CA THR C 16 -26.07 -5.06 38.80
C THR C 16 -24.79 -4.36 38.32
N SER C 17 -24.35 -4.65 37.09
CA SER C 17 -23.12 -4.04 36.54
C SER C 17 -23.19 -4.15 35.00
N PRO C 18 -24.13 -3.42 34.39
CA PRO C 18 -24.52 -3.44 32.99
C PRO C 18 -23.34 -3.36 32.02
N ALA C 19 -23.38 -4.11 30.95
CA ALA C 19 -22.23 -4.21 30.06
C ALA C 19 -21.93 -2.85 29.39
N PHE C 20 -22.91 -1.95 29.42
CA PHE C 20 -22.81 -0.59 28.90
C PHE C 20 -23.84 0.30 29.62
N PRO C 21 -23.50 1.60 29.80
CA PRO C 21 -24.35 2.52 30.54
C PRO C 21 -25.35 3.26 29.63
N PRO C 22 -26.34 3.96 30.23
CA PRO C 22 -27.41 4.70 29.55
C PRO C 22 -27.00 5.87 28.67
N GLY C 23 -26.01 6.66 29.04
CA GLY C 23 -25.74 7.86 28.24
C GLY C 23 -26.42 9.11 28.79
N PRO C 24 -26.56 10.20 27.98
CA PRO C 24 -26.39 10.40 26.53
C PRO C 24 -25.04 9.99 26.00
N TYR C 25 -24.98 9.69 24.70
CA TYR C 25 -23.77 9.16 24.10
C TYR C 25 -23.06 10.25 23.30
N ARG C 26 -22.09 10.88 23.93
CA ARG C 26 -21.46 12.04 23.35
C ARG C 26 -20.10 11.67 22.76
N PHE C 27 -19.84 12.17 21.55
CA PHE C 27 -18.61 11.85 20.83
C PHE C 27 -17.80 13.12 20.55
N VAL C 28 -16.52 13.08 20.88
CA VAL C 28 -15.67 14.27 20.76
C VAL C 28 -14.51 13.88 19.86
N ASN C 29 -14.33 14.66 18.81
CA ASN C 29 -13.24 14.40 17.86
C ASN C 29 -13.32 13.04 17.19
N ARG C 30 -14.51 12.64 16.76
CA ARG C 30 -14.64 11.51 15.85
C ARG C 30 -13.84 11.94 14.65
N GLU C 31 -13.17 11.01 13.99
CA GLU C 31 -12.43 11.30 12.76
C GLU C 31 -12.84 10.23 11.79
N TYR C 32 -13.36 10.64 10.63
CA TYR C 32 -13.84 9.72 9.61
C TYR C 32 -12.94 9.74 8.38
N ILE C 34 -14.22 8.35 4.79
CA ILE C 34 -15.30 7.73 4.03
C ILE C 34 -14.87 7.66 2.58
N ILE C 35 -14.84 6.45 2.03
CA ILE C 35 -14.63 6.30 0.59
C ILE C 35 -15.93 5.84 -0.03
N THR C 36 -16.50 6.70 -0.88
CA THR C 36 -17.70 6.31 -1.63
C THR C 36 -17.30 5.63 -2.94
N TYR C 37 -17.86 4.44 -3.17
CA TYR C 37 -17.58 3.68 -4.39
C TYR C 37 -18.85 3.15 -5.05
N ARG C 38 -18.82 3.11 -6.37
CA ARG C 38 -19.89 2.53 -7.14
C ARG C 38 -19.74 1.03 -7.05
N THR C 39 -20.84 0.32 -6.86
CA THR C 39 -20.80 -1.14 -6.86
C THR C 39 -21.85 -1.73 -7.80
N ASP C 40 -21.94 -3.05 -7.76
CA ASP C 40 -22.96 -3.76 -8.51
C ASP C 40 -24.32 -3.56 -7.83
N PRO C 41 -25.29 -2.93 -8.55
CA PRO C 41 -26.68 -2.72 -8.10
C PRO C 41 -27.38 -3.95 -7.51
N ALA C 42 -27.17 -5.10 -8.16
CA ALA C 42 -27.69 -6.40 -7.76
C ALA C 42 -27.19 -6.85 -6.38
N ALA C 43 -25.94 -6.52 -6.07
CA ALA C 43 -25.38 -6.85 -4.75
C ALA C 43 -26.09 -6.10 -3.62
N ILE C 44 -26.39 -4.82 -3.85
CA ILE C 44 -27.18 -3.99 -2.93
C ILE C 44 -28.62 -4.50 -2.78
N GLU C 45 -29.33 -4.67 -3.90
CA GLU C 45 -30.70 -5.21 -3.89
C GLU C 45 -30.82 -6.52 -3.11
N ALA C 46 -29.80 -7.36 -3.20
CA ALA C 46 -29.76 -8.65 -2.50
C ALA C 46 -29.72 -8.59 -0.96
N VAL C 47 -29.40 -7.43 -0.39
CA VAL C 47 -29.25 -7.29 1.08
C VAL C 47 -30.18 -6.25 1.72
N LEU C 48 -30.76 -5.39 0.88
CA LEU C 48 -31.61 -4.31 1.35
C LEU C 48 -32.99 -4.83 1.70
N PRO C 49 -33.45 -4.62 2.94
CA PRO C 49 -34.78 -5.07 3.36
C PRO C 49 -35.90 -4.09 3.05
N GLU C 50 -36.83 -4.47 2.18
CA GLU C 50 -38.11 -3.77 2.12
C GLU C 50 -38.62 -3.65 3.55
N PRO C 51 -39.31 -2.55 3.89
CA PRO C 51 -39.80 -1.45 3.06
C PRO C 51 -38.75 -0.42 2.64
N LEU C 52 -37.47 -0.69 2.93
CA LEU C 52 -36.38 0.18 2.53
C LEU C 52 -36.24 0.20 1.02
N GLN C 53 -35.88 1.34 0.48
CA GLN C 53 -35.71 1.46 -0.95
C GLN C 53 -34.33 1.96 -1.37
N ALA C 55 -31.48 3.79 -3.32
CA ALA C 55 -31.19 5.02 -4.05
C ALA C 55 -30.00 4.59 -4.89
N GLU C 56 -29.14 5.52 -5.28
CA GLU C 56 -28.04 5.19 -6.20
C GLU C 56 -27.21 3.98 -5.72
N PRO C 57 -26.57 3.24 -6.66
CA PRO C 57 -25.83 2.02 -6.36
C PRO C 57 -24.41 2.26 -5.87
N VAL C 58 -24.28 3.01 -4.78
CA VAL C 58 -22.98 3.31 -4.17
C VAL C 58 -22.92 2.81 -2.71
N VAL C 59 -21.70 2.53 -2.27
CA VAL C 59 -21.45 2.15 -0.90
C VAL C 59 -20.50 3.18 -0.32
N ARG C 60 -20.80 3.65 0.91
CA ARG C 60 -19.88 4.49 1.64
C ARG C 60 -19.16 3.55 2.57
N TYR C 61 -17.86 3.38 2.34
CA TYR C 61 -17.06 2.57 3.22
C TYR C 61 -16.39 3.51 4.24
N GLU C 62 -16.59 3.25 5.54
CA GLU C 62 -16.10 4.13 6.61
C GLU C 62 -15.00 3.50 7.45
N PHE C 63 -14.00 4.32 7.80
CA PHE C 63 -13.02 4.01 8.81
C PHE C 63 -13.16 5.13 9.83
N ILE C 64 -13.58 4.81 11.06
CA ILE C 64 -13.80 5.88 12.05
C ILE C 64 -12.99 5.66 13.33
N ARG C 65 -12.29 6.71 13.79
CA ARG C 65 -11.69 6.75 15.11
C ARG C 65 -12.66 7.43 16.06
N PRO C 67 -12.01 8.53 19.67
CA PRO C 67 -11.05 8.54 20.79
C PRO C 67 -11.66 8.89 22.17
N ASP C 68 -12.85 9.50 22.17
CA ASP C 68 -13.42 10.08 23.36
C ASP C 68 -14.92 9.88 23.28
N SER C 69 -15.42 8.77 23.85
CA SER C 69 -16.83 8.38 23.70
C SER C 69 -17.42 8.04 25.04
N THR C 70 -18.40 8.81 25.48
CA THR C 70 -18.87 8.67 26.85
C THR C 70 -19.52 7.32 27.07
N GLY C 71 -19.10 6.64 28.12
CA GLY C 71 -19.68 5.35 28.52
C GLY C 71 -19.03 4.19 27.81
N PHE C 72 -18.34 4.49 26.71
CA PHE C 72 -17.77 3.49 25.82
C PHE C 72 -16.24 3.42 25.90
N GLY C 73 -15.62 4.59 25.97
CA GLY C 73 -14.17 4.70 26.02
C GLY C 73 -13.56 5.26 24.76
N ASP C 74 -12.48 4.61 24.29
CA ASP C 74 -11.65 5.06 23.16
C ASP C 74 -11.49 3.89 22.19
N TYR C 75 -11.97 4.04 20.96
CA TYR C 75 -12.06 2.88 20.06
C TYR C 75 -12.13 3.29 18.60
N SER C 76 -12.10 2.29 17.72
CA SER C 76 -12.21 2.52 16.28
C SER C 76 -13.26 1.61 15.64
N GLU C 77 -13.76 2.04 14.49
CA GLU C 77 -14.90 1.43 13.81
C GLU C 77 -14.71 1.48 12.30
N SER C 78 -15.14 0.42 11.63
CA SER C 78 -15.14 0.34 10.18
C SER C 78 -16.38 -0.41 9.69
N GLY C 79 -16.86 -0.04 8.51
CA GLY C 79 -17.95 -0.79 7.90
C GLY C 79 -18.63 -0.07 6.74
N GLN C 80 -19.77 -0.65 6.34
CA GLN C 80 -20.45 -0.32 5.08
C GLN C 80 -21.82 0.29 5.28
N VAL C 81 -22.05 1.42 4.64
CA VAL C 81 -23.37 2.03 4.62
C VAL C 81 -23.78 2.42 3.20
N ILE C 82 -25.08 2.28 2.95
CA ILE C 82 -25.67 2.44 1.64
C ILE C 82 -26.72 3.56 1.63
N PRO C 83 -26.70 4.46 0.62
CA PRO C 83 -27.74 5.48 0.51
C PRO C 83 -29.11 4.82 0.26
N VAL C 84 -30.13 5.28 0.98
CA VAL C 84 -31.45 4.61 1.00
C VAL C 84 -32.55 5.68 0.99
N THR C 85 -33.76 5.29 0.59
CA THR C 85 -34.97 6.08 0.89
C THR C 85 -35.97 5.21 1.64
N PHE C 86 -36.75 5.82 2.52
CA PHE C 86 -37.82 5.15 3.23
C PHE C 86 -38.98 6.11 3.24
N ARG C 87 -40.11 5.72 2.74
CA ARG C 87 -41.22 6.62 2.49
C ARG C 87 -40.93 7.85 1.82
N GLY C 88 -40.23 7.78 0.78
CA GLY C 88 -39.79 8.99 0.10
C GLY C 88 -38.63 9.75 0.74
N GLU C 89 -38.31 9.45 1.99
CA GLU C 89 -37.28 10.21 2.74
C GLU C 89 -35.86 9.64 2.59
N ARG C 90 -34.95 10.49 2.10
CA ARG C 90 -33.57 10.12 1.86
C ARG C 90 -32.80 9.89 3.17
N GLY C 91 -32.09 8.77 3.24
CA GLY C 91 -31.34 8.40 4.44
C GLY C 91 -30.28 7.35 4.15
N SER C 92 -29.84 6.63 5.17
CA SER C 92 -28.76 5.65 4.97
C SER C 92 -29.11 4.34 5.65
N TYR C 93 -28.51 3.24 5.21
CA TYR C 93 -28.71 1.96 5.84
C TYR C 93 -27.36 1.38 6.19
N THR C 94 -27.19 0.94 7.44
CA THR C 94 -25.92 0.33 7.87
C THR C 94 -25.92 -1.19 7.71
N LEU C 95 -25.10 -1.64 6.79
CA LEU C 95 -25.07 -3.04 6.44
C LEU C 95 -24.15 -3.85 7.36
N ALA C 96 -22.97 -3.32 7.66
CA ALA C 96 -21.91 -4.04 8.39
C ALA C 96 -21.02 -3.04 9.10
N PHE C 98 -17.77 -3.11 12.25
CA PHE C 98 -16.69 -3.76 12.91
C PHE C 98 -15.99 -2.99 14.00
N LEU C 99 -15.84 -3.41 15.25
CA LEU C 99 -15.26 -2.58 16.35
C LEU C 99 -14.28 -3.36 17.18
N ASP C 100 -13.41 -2.63 17.89
CA ASP C 100 -12.39 -3.20 18.79
C ASP C 100 -12.61 -2.86 20.30
N ASP C 101 -13.87 -2.65 20.69
CA ASP C 101 -14.25 -2.27 22.06
C ASP C 101 -15.63 -2.86 22.30
N GLN C 102 -15.83 -3.49 23.45
CA GLN C 102 -17.02 -4.32 23.67
C GLN C 102 -18.28 -3.57 24.15
N PRO C 103 -18.15 -2.67 25.13
CA PRO C 103 -19.28 -1.80 25.50
C PRO C 103 -20.04 -1.12 24.36
N PRO C 104 -19.32 -0.51 23.37
CA PRO C 104 -20.08 0.01 22.22
C PRO C 104 -20.55 -1.08 21.26
N LEU C 105 -19.94 -2.26 21.33
CA LEU C 105 -20.40 -3.36 20.50
C LEU C 105 -21.74 -3.93 21.05
N ALA C 106 -21.76 -4.41 22.29
CA ALA C 106 -23.02 -4.82 22.94
C ALA C 106 -24.06 -3.70 22.89
N GLY C 107 -23.73 -2.54 23.44
CA GLY C 107 -24.65 -1.38 23.44
C GLY C 107 -25.15 -0.97 22.08
N GLY C 108 -24.27 -0.98 21.08
CA GLY C 108 -24.68 -0.71 19.69
C GLY C 108 -25.71 -1.72 19.19
N ARG C 109 -25.46 -2.99 19.49
CA ARG C 109 -26.36 -4.08 19.07
C ARG C 109 -27.69 -4.07 19.86
N GLU C 110 -27.60 -3.99 21.18
CA GLU C 110 -28.78 -4.19 22.00
C GLU C 110 -29.69 -2.98 22.13
N LEU C 111 -29.13 -1.79 21.96
CA LEU C 111 -29.91 -0.57 22.14
C LEU C 111 -30.48 -0.04 20.80
N TRP C 112 -29.61 0.28 19.84
CA TRP C 112 -30.07 0.85 18.56
C TRP C 112 -30.28 -0.26 17.53
N GLY C 113 -29.54 -1.35 17.70
CA GLY C 113 -29.52 -2.41 16.72
C GLY C 113 -28.58 -2.17 15.56
N PHE C 114 -27.42 -1.60 15.86
CA PHE C 114 -26.36 -1.55 14.86
C PHE C 114 -25.87 -2.95 14.59
N PRO C 115 -25.61 -3.29 13.32
CA PRO C 115 -25.28 -4.66 12.98
C PRO C 115 -23.79 -5.04 13.28
N LYS C 116 -23.37 -4.83 14.53
CA LYS C 116 -21.93 -4.90 14.87
C LYS C 116 -21.33 -6.29 15.05
N LYS C 117 -20.12 -6.46 14.52
CA LYS C 117 -19.22 -7.58 14.80
C LYS C 117 -17.86 -7.09 15.37
N ALA C 118 -17.00 -8.00 15.82
CA ALA C 118 -15.67 -7.64 16.32
C ALA C 118 -14.68 -7.59 15.16
N GLY C 119 -13.64 -6.75 15.30
CA GLY C 119 -12.62 -6.56 14.27
C GLY C 119 -11.61 -5.57 14.78
N LYS C 120 -10.57 -5.31 13.98
CA LYS C 120 -9.54 -4.35 14.39
C LYS C 120 -9.35 -3.31 13.28
N PRO C 121 -10.13 -2.21 13.37
CA PRO C 121 -9.95 -1.11 12.44
C PRO C 121 -8.84 -0.22 12.91
N ARG C 122 -8.11 0.40 11.98
CA ARG C 122 -7.16 1.43 12.36
C ARG C 122 -7.32 2.57 11.34
N LEU C 123 -7.03 3.79 11.77
CA LEU C 123 -7.02 4.95 10.86
C LEU C 123 -5.87 5.85 11.35
N GLU C 124 -4.88 6.02 10.50
CA GLU C 124 -3.60 6.63 10.90
C GLU C 124 -2.94 7.35 9.70
N VAL C 125 -2.24 8.45 9.98
CA VAL C 125 -1.44 9.16 9.00
C VAL C 125 -0.05 8.57 9.02
N HIS C 126 0.40 8.07 7.87
CA HIS C 126 1.78 7.66 7.69
C HIS C 126 2.42 8.63 6.70
N GLN C 127 3.11 9.62 7.26
CA GLN C 127 3.78 10.69 6.50
C GLN C 127 2.63 11.28 5.70
N ASP C 128 2.67 11.13 4.38
CA ASP C 128 1.81 11.88 3.48
C ASP C 128 0.45 11.21 3.21
N THR C 129 0.22 10.02 3.78
CA THR C 129 -1.01 9.24 3.45
C THR C 129 -1.88 8.94 4.67
N LEU C 130 -3.19 9.20 4.54
CA LEU C 130 -4.17 8.72 5.54
C LEU C 130 -4.51 7.26 5.17
N VAL C 131 -4.22 6.34 6.09
CA VAL C 131 -4.37 4.91 5.83
C VAL C 131 -5.41 4.32 6.77
N GLY C 132 -6.48 3.79 6.18
CA GLY C 132 -7.49 3.05 6.97
C GLY C 132 -7.34 1.57 6.69
N SER C 133 -7.39 0.74 7.74
CA SER C 133 -7.38 -0.70 7.56
C SER C 133 -8.44 -1.36 8.47
N LEU C 134 -8.94 -2.51 8.03
CA LEU C 134 -9.75 -3.38 8.87
C LEU C 134 -9.22 -4.80 8.79
N ASP C 135 -8.68 -5.32 9.90
CA ASP C 135 -8.40 -6.75 10.00
C ASP C 135 -9.54 -7.45 10.73
N PHE C 136 -9.80 -8.70 10.33
CA PHE C 136 -10.72 -9.55 11.06
C PHE C 136 -9.90 -10.79 11.41
N GLY C 137 -9.50 -10.90 12.68
CA GLY C 137 -8.45 -11.85 13.05
C GLY C 137 -7.22 -11.56 12.20
N PRO C 138 -6.57 -12.62 11.64
CA PRO C 138 -5.32 -12.47 10.88
C PRO C 138 -5.51 -12.03 9.43
N VAL C 139 -6.73 -11.78 9.02
CA VAL C 139 -7.01 -11.48 7.63
C VAL C 139 -7.34 -9.99 7.49
N ARG C 140 -6.64 -9.29 6.60
CA ARG C 140 -7.01 -7.93 6.23
C ARG C 140 -8.17 -8.03 5.25
N ILE C 141 -9.25 -7.28 5.48
CA ILE C 141 -10.40 -7.34 4.57
C ILE C 141 -10.76 -6.00 3.96
N ALA C 142 -10.16 -4.93 4.49
CA ALA C 142 -10.34 -3.59 3.91
C ALA C 142 -9.10 -2.72 4.10
N THR C 143 -8.68 -2.05 3.03
CA THR C 143 -7.60 -1.07 3.07
C THR C 143 -7.98 0.14 2.25
N GLY C 144 -8.06 1.29 2.94
CA GLY C 144 -8.40 2.58 2.32
C GLY C 144 -7.22 3.54 2.45
N THR C 145 -7.04 4.38 1.42
CA THR C 145 -6.00 5.45 1.45
C THR C 145 -6.53 6.73 0.85
N GLY C 147 -5.06 11.02 0.09
CA GLY C 147 -4.15 12.14 0.34
C GLY C 147 -4.61 12.93 1.57
N TYR C 148 -3.72 13.77 2.09
CA TYR C 148 -3.97 14.53 3.32
C TYR C 148 -4.45 15.97 3.03
N LYS C 149 -5.74 16.18 3.21
CA LYS C 149 -6.33 17.49 3.23
C LYS C 149 -6.03 18.40 2.02
N TYR C 150 -6.25 17.89 0.83
CA TYR C 150 -6.04 18.59 -0.41
C TYR C 150 -6.93 19.79 -0.57
N GLU C 151 -8.21 19.65 -0.29
CA GLU C 151 -9.15 20.75 -0.42
C GLU C 151 -10.20 20.75 0.67
N ALA C 152 -10.62 21.93 1.07
CA ALA C 152 -11.71 22.09 2.00
C ALA C 152 -12.96 21.46 1.41
N LEU C 153 -13.75 20.80 2.24
CA LEU C 153 -15.02 20.16 1.84
C LEU C 153 -16.22 21.03 2.24
N ASP C 154 -17.24 21.07 1.40
CA ASP C 154 -18.43 21.88 1.66
C ASP C 154 -19.13 21.51 2.96
N ARG C 155 -18.94 22.35 3.98
CA ARG C 155 -19.49 22.14 5.33
C ARG C 155 -21.02 21.99 5.32
N SER C 156 -21.68 22.63 4.35
CA SER C 156 -23.14 22.58 4.28
C SER C 156 -23.66 21.24 3.82
N ALA C 157 -23.11 20.74 2.72
CA ALA C 157 -23.39 19.38 2.28
C ALA C 157 -23.07 18.38 3.39
N LEU C 158 -21.98 18.64 4.12
CA LEU C 158 -21.55 17.72 5.16
C LEU C 158 -22.58 17.66 6.28
N LEU C 159 -22.96 18.83 6.79
CA LEU C 159 -23.93 18.94 7.89
C LEU C 159 -25.29 18.41 7.51
N ALA C 160 -25.69 18.56 6.25
CA ALA C 160 -26.95 18.01 5.77
C ALA C 160 -26.93 16.48 5.74
N SER C 161 -25.84 15.90 5.26
CA SER C 161 -25.61 14.46 5.32
C SER C 161 -25.62 13.91 6.74
N LEU C 162 -25.00 14.60 7.67
CA LEU C 162 -25.04 14.19 9.06
C LEU C 162 -26.40 14.38 9.71
N ALA C 163 -27.26 15.18 9.11
CA ALA C 163 -28.54 15.42 9.67
C ALA C 163 -29.55 14.42 9.17
N GLU C 164 -29.18 13.65 8.18
CA GLU C 164 -30.07 12.65 7.65
C GLU C 164 -30.35 11.53 8.64
N PRO C 165 -31.44 10.91 8.36
CA PRO C 165 -31.90 9.78 9.02
C PRO C 165 -31.01 8.57 8.73
N ASN C 166 -30.71 7.79 9.71
CA ASN C 166 -30.12 6.53 9.60
C ASN C 166 -30.97 5.41 9.97
N PHE C 167 -31.10 4.44 9.17
CA PHE C 167 -31.96 3.32 9.46
C PHE C 167 -31.13 2.09 9.82
N LEU C 168 -31.66 1.27 10.71
CA LEU C 168 -30.99 0.03 11.07
C LEU C 168 -32.05 -1.05 11.13
N LEU C 169 -31.66 -2.29 10.88
CA LEU C 169 -32.60 -3.37 11.09
C LEU C 169 -32.27 -4.08 12.39
N LYS C 170 -32.99 -3.75 13.46
CA LYS C 170 -32.84 -4.42 14.75
C LYS C 170 -33.52 -5.79 14.81
N ILE C 171 -32.70 -6.82 15.02
CA ILE C 171 -33.16 -8.20 15.21
C ILE C 171 -32.57 -8.71 16.50
N ILE C 172 -33.40 -9.32 17.33
CA ILE C 172 -32.99 -9.98 18.57
C ILE C 172 -33.84 -11.25 18.69
N PRO C 173 -33.18 -12.43 18.76
CA PRO C 173 -33.89 -13.69 18.95
C PRO C 173 -34.48 -13.86 20.36
N HIS C 174 -35.57 -14.62 20.39
CA HIS C 174 -36.21 -15.00 21.63
C HIS C 174 -35.44 -16.25 21.99
N VAL C 175 -35.58 -16.70 23.23
CA VAL C 175 -34.80 -17.85 23.68
C VAL C 175 -34.96 -19.09 22.78
N ASP C 176 -36.09 -19.22 22.09
CA ASP C 176 -36.35 -20.33 21.15
C ASP C 176 -35.74 -20.11 19.76
N GLY C 177 -35.05 -18.98 19.59
CA GLY C 177 -34.37 -18.70 18.34
C GLY C 177 -35.25 -17.98 17.33
N SER C 178 -36.53 -17.86 17.63
CA SER C 178 -37.41 -17.10 16.75
C SER C 178 -37.25 -15.61 17.12
N PRO C 179 -37.52 -14.70 16.17
CA PRO C 179 -37.36 -13.27 16.43
C PRO C 179 -38.27 -12.73 17.51
N ARG C 180 -37.67 -12.17 18.56
CA ARG C 180 -38.38 -11.45 19.61
C ARG C 180 -38.48 -9.95 19.28
N ILE C 181 -37.46 -9.44 18.59
CA ILE C 181 -37.42 -8.05 18.12
C ILE C 181 -37.05 -8.12 16.64
N CYS C 182 -37.79 -7.39 15.80
CA CYS C 182 -37.47 -7.31 14.38
C CYS C 182 -38.12 -6.06 13.82
N GLU C 183 -37.31 -5.01 13.71
CA GLU C 183 -37.81 -3.68 13.44
C GLU C 183 -36.82 -2.79 12.72
N LEU C 184 -37.36 -1.87 11.92
CA LEU C 184 -36.57 -0.80 11.35
C LEU C 184 -36.49 0.29 12.37
N VAL C 185 -35.27 0.70 12.66
CA VAL C 185 -35.03 1.73 13.65
C VAL C 185 -34.41 2.94 12.95
N ARG C 186 -34.94 4.11 13.27
CA ARG C 186 -34.43 5.35 12.75
C ARG C 186 -33.68 6.07 13.87
N TYR C 187 -32.46 6.53 13.59
CA TYR C 187 -31.73 7.38 14.57
C TYR C 187 -30.99 8.56 13.91
N HIS C 188 -30.61 9.52 14.74
CA HIS C 188 -29.92 10.74 14.30
C HIS C 188 -28.68 11.04 15.14
N THR C 189 -27.66 11.58 14.46
CA THR C 189 -26.53 12.22 15.10
C THR C 189 -26.83 13.71 15.15
N THR C 190 -26.90 14.28 16.36
CA THR C 190 -27.25 15.69 16.54
C THR C 190 -26.16 16.38 17.36
N ASP C 191 -26.28 17.67 17.56
CA ASP C 191 -25.32 18.50 18.18
C ASP C 191 -23.98 18.36 17.56
N VAL C 192 -24.04 18.34 16.31
CA VAL C 192 -22.87 18.14 15.46
C VAL C 192 -22.08 19.44 15.36
N ALA C 193 -20.79 19.38 15.71
CA ALA C 193 -19.87 20.49 15.47
C ALA C 193 -18.68 19.97 14.68
N ILE C 194 -18.59 20.38 13.43
CA ILE C 194 -17.47 19.96 12.63
C ILE C 194 -16.24 20.84 12.90
N LYS C 195 -15.11 20.17 13.11
CA LYS C 195 -13.87 20.83 13.46
C LYS C 195 -13.01 21.03 12.22
N GLY C 196 -13.12 20.11 11.27
CA GLY C 196 -12.41 20.21 10.01
C GLY C 196 -12.98 19.18 9.07
N ALA C 197 -12.85 19.43 7.77
CA ALA C 197 -13.43 18.56 6.74
C ALA C 197 -12.76 18.82 5.40
N TRP C 198 -12.31 17.75 4.77
CA TRP C 198 -11.49 17.85 3.57
C TRP C 198 -11.82 16.80 2.52
N SER C 199 -11.36 17.04 1.29
CA SER C 199 -11.32 15.98 0.30
C SER C 199 -9.89 15.82 -0.22
N ALA C 200 -9.66 14.68 -0.88
CA ALA C 200 -8.37 14.31 -1.43
C ALA C 200 -8.62 13.09 -2.30
N PRO C 201 -7.65 12.74 -3.15
CA PRO C 201 -7.80 11.47 -3.88
C PRO C 201 -7.80 10.29 -2.90
N GLY C 202 -8.52 9.23 -3.25
CA GLY C 202 -8.67 8.10 -2.35
C GLY C 202 -8.71 6.73 -3.03
N SER C 203 -8.40 5.68 -2.28
CA SER C 203 -8.48 4.31 -2.81
C SER C 203 -9.12 3.34 -1.83
N LEU C 204 -9.55 2.19 -2.35
CA LEU C 204 -10.09 1.14 -1.52
C LEU C 204 -9.88 -0.28 -2.07
N GLU C 205 -9.24 -1.14 -1.39
CA GLU C 205 -9.32 -2.47 -1.71
C GLU C 205 -9.98 -3.27 -0.65
N LEU C 206 -10.84 -4.14 -1.03
CA LEU C 206 -11.61 -5.05 -0.15
C LEU C 206 -11.16 -6.49 -0.38
N HIS C 207 -11.26 -7.35 0.65
CA HIS C 207 -10.91 -8.77 0.52
C HIS C 207 -12.00 -9.70 1.10
N PRO C 208 -12.16 -10.91 0.54
CA PRO C 208 -13.13 -11.93 0.94
C PRO C 208 -12.98 -12.37 2.38
N HIS C 209 -14.09 -12.58 3.09
CA HIS C 209 -14.04 -13.27 4.38
C HIS C 209 -15.41 -13.87 4.69
N ALA C 210 -15.39 -15.15 5.07
CA ALA C 210 -16.62 -15.94 5.34
C ALA C 210 -17.53 -15.32 6.41
N LEU C 211 -16.96 -14.57 7.34
CA LEU C 211 -17.70 -14.06 8.49
C LEU C 211 -17.74 -12.52 8.51
N ALA C 212 -17.19 -11.90 7.46
CA ALA C 212 -17.06 -10.44 7.36
C ALA C 212 -17.14 -10.08 5.88
N PRO C 213 -18.32 -10.32 5.25
CA PRO C 213 -18.38 -10.29 3.78
C PRO C 213 -18.46 -8.91 3.11
N VAL C 214 -17.65 -7.95 3.55
CA VAL C 214 -17.67 -6.61 2.93
C VAL C 214 -17.45 -6.69 1.41
N ALA C 215 -16.59 -7.61 0.99
CA ALA C 215 -16.21 -7.75 -0.42
C ALA C 215 -17.38 -8.08 -1.34
N ALA C 216 -18.47 -8.57 -0.75
CA ALA C 216 -19.71 -8.88 -1.45
C ALA C 216 -20.36 -7.65 -2.08
N LEU C 217 -19.86 -6.47 -1.77
CA LEU C 217 -20.26 -5.27 -2.50
C LEU C 217 -19.01 -4.74 -3.19
N PRO C 218 -18.68 -5.29 -4.37
CA PRO C 218 -17.39 -5.11 -5.03
C PRO C 218 -17.09 -3.66 -5.41
N VAL C 219 -15.82 -3.29 -5.32
CA VAL C 219 -15.44 -1.93 -5.67
C VAL C 219 -15.25 -1.88 -7.17
N LEU C 220 -16.28 -1.39 -7.87
CA LEU C 220 -16.19 -1.18 -9.31
C LEU C 220 -15.40 0.10 -9.60
N GLU C 221 -15.77 1.17 -8.89
CA GLU C 221 -15.14 2.46 -9.11
C GLU C 221 -15.27 3.33 -7.89
N VAL C 222 -14.13 3.79 -7.39
CA VAL C 222 -14.13 4.78 -6.31
C VAL C 222 -14.55 6.14 -6.86
N LEU C 223 -15.61 6.67 -6.27
CA LEU C 223 -16.19 7.94 -6.69
C LEU C 223 -15.61 9.13 -5.94
N SER C 224 -15.49 9.01 -4.60
CA SER C 224 -14.94 10.09 -3.78
C SER C 224 -14.43 9.62 -2.43
N ALA C 225 -13.69 10.49 -1.77
CA ALA C 225 -13.08 10.23 -0.48
C ALA C 225 -13.14 11.51 0.31
N ARG C 226 -13.71 11.44 1.51
CA ARG C 226 -13.84 12.60 2.39
C ARG C 226 -13.22 12.28 3.75
N HIS C 227 -12.64 13.29 4.39
CA HIS C 227 -11.99 13.16 5.70
C HIS C 227 -12.53 14.26 6.58
N PHE C 228 -13.03 13.94 7.77
CA PHE C 228 -13.54 15.00 8.63
C PHE C 228 -13.40 14.65 10.09
N VAL C 229 -13.33 15.69 10.91
CA VAL C 229 -13.31 15.55 12.36
C VAL C 229 -14.48 16.37 12.94
N CYS C 230 -15.20 15.80 13.91
CA CYS C 230 -16.38 16.44 14.47
C CYS C 230 -16.73 15.92 15.88
N ASP C 231 -17.59 16.67 16.59
CA ASP C 231 -18.22 16.26 17.84
C ASP C 231 -19.67 16.01 17.50
N LEU C 232 -20.31 15.02 18.12
CA LEU C 232 -21.73 14.80 17.90
C LEU C 232 -22.39 14.00 19.03
N THR C 233 -23.72 14.00 19.04
CA THR C 233 -24.46 13.16 19.99
C THR C 233 -25.17 12.06 19.23
N LEU C 234 -24.95 10.82 19.65
CA LEU C 234 -25.65 9.70 19.10
C LEU C 234 -26.98 9.58 19.85
N ASP C 235 -28.04 10.16 19.29
CA ASP C 235 -29.37 10.13 19.92
C ASP C 235 -29.96 8.71 19.90
N LEU C 236 -30.83 8.42 20.88
CA LEU C 236 -31.58 7.18 20.87
C LEU C 236 -32.37 7.08 19.57
N GLY C 237 -32.59 5.85 19.09
CA GLY C 237 -33.45 5.60 17.95
C GLY C 237 -34.93 5.60 18.28
N THR C 238 -35.73 5.35 17.24
CA THR C 238 -37.18 5.16 17.35
C THR C 238 -37.55 4.10 16.32
N VAL C 239 -38.55 3.26 16.62
CA VAL C 239 -39.04 2.25 15.67
C VAL C 239 -39.84 2.96 14.58
N VAL C 240 -39.55 2.66 13.32
CA VAL C 240 -40.33 3.21 12.22
C VAL C 240 -41.11 2.14 11.48
N PHE C 241 -40.70 0.89 11.67
CA PHE C 241 -41.38 -0.25 11.05
C PHE C 241 -41.14 -1.48 11.92
N ASP C 242 -42.23 -2.16 12.32
CA ASP C 242 -42.14 -3.41 13.09
C ASP C 242 -42.55 -4.58 12.22
N TYR C 243 -41.62 -5.50 11.96
CA TYR C 243 -41.95 -6.62 11.09
C TYR C 243 -42.96 -7.55 11.76
N LEU C 244 -43.00 -7.49 13.08
CA LEU C 244 -43.78 -8.42 13.89
C LEU C 244 -45.16 -7.84 14.30
N LYS D 2 26.33 -56.86 -3.73
CA LYS D 2 26.40 -57.36 -5.10
C LYS D 2 25.26 -56.77 -5.92
N GLN D 3 25.46 -56.67 -7.23
CA GLN D 3 24.45 -56.09 -8.12
C GLN D 3 23.06 -56.73 -8.02
N GLN D 4 23.01 -57.98 -7.56
CA GLN D 4 21.75 -58.69 -7.40
C GLN D 4 21.02 -58.19 -6.15
N GLU D 5 21.79 -58.06 -5.07
CA GLU D 5 21.32 -57.52 -3.82
C GLU D 5 20.92 -56.04 -3.93
N VAL D 6 21.54 -55.32 -4.88
CA VAL D 6 21.21 -53.91 -5.15
C VAL D 6 19.78 -53.79 -5.67
N ARG D 7 19.45 -54.67 -6.62
CA ARG D 7 18.13 -54.73 -7.24
C ARG D 7 17.04 -55.15 -6.23
N GLN D 8 17.41 -56.02 -5.30
CA GLN D 8 16.51 -56.52 -4.28
C GLN D 8 16.26 -55.45 -3.21
N ARG D 9 17.29 -54.67 -2.90
CA ARG D 9 17.18 -53.63 -1.87
C ARG D 9 16.51 -52.35 -2.37
N ALA D 10 16.65 -52.06 -3.65
CA ALA D 10 16.19 -50.81 -4.27
C ALA D 10 14.69 -50.51 -4.14
N PHE D 11 14.39 -49.39 -3.50
CA PHE D 11 13.04 -48.85 -3.44
C PHE D 11 13.10 -47.35 -3.79
N ALA D 12 13.79 -46.56 -2.96
CA ALA D 12 13.98 -45.14 -3.27
C ALA D 12 15.42 -44.72 -2.96
N PRO D 14 18.44 -42.24 -1.42
CA PRO D 14 19.68 -43.03 -1.56
C PRO D 14 19.44 -44.49 -1.16
N LEU D 15 19.98 -45.40 -1.97
CA LEU D 15 19.77 -46.84 -1.78
C LEU D 15 19.76 -47.30 -0.32
N THR D 16 20.80 -46.94 0.43
CA THR D 16 21.01 -47.43 1.80
C THR D 16 20.36 -46.59 2.90
N SER D 17 19.72 -45.49 2.52
CA SER D 17 19.03 -44.62 3.46
C SER D 17 17.89 -43.87 2.74
N PRO D 18 16.88 -44.60 2.24
CA PRO D 18 15.86 -44.04 1.35
C PRO D 18 15.22 -42.75 1.88
N ALA D 19 14.92 -41.84 0.97
CA ALA D 19 14.39 -40.53 1.31
C ALA D 19 13.00 -40.68 1.95
N PHE D 20 12.31 -41.76 1.57
CA PHE D 20 11.02 -42.14 2.15
C PHE D 20 10.95 -43.68 2.21
N PRO D 21 10.21 -44.19 3.11
CA PRO D 21 9.97 -45.57 3.19
C PRO D 21 8.65 -46.01 2.52
N PRO D 22 8.50 -47.28 2.55
CA PRO D 22 7.37 -47.93 2.02
C PRO D 22 6.40 -47.94 2.94
N GLY D 23 5.20 -48.06 2.54
CA GLY D 23 4.10 -48.07 3.36
C GLY D 23 3.86 -49.29 4.19
N PRO D 24 2.74 -49.36 4.77
CA PRO D 24 1.52 -48.69 4.34
C PRO D 24 1.44 -47.26 4.80
N TYR D 25 0.95 -46.37 4.04
CA TYR D 25 0.82 -45.07 4.44
C TYR D 25 -0.43 -44.65 5.24
N ARG D 26 -0.41 -44.64 6.53
CA ARG D 26 -1.58 -44.38 7.35
C ARG D 26 -1.63 -42.91 7.82
N PHE D 27 -2.81 -42.31 7.76
CA PHE D 27 -3.03 -40.95 8.20
C PHE D 27 -4.06 -40.91 9.32
N VAL D 28 -3.68 -40.36 10.47
CA VAL D 28 -4.59 -40.24 11.61
C VAL D 28 -4.94 -38.78 11.88
N ASN D 29 -6.24 -38.50 12.01
CA ASN D 29 -6.73 -37.14 12.33
C ASN D 29 -6.30 -36.11 11.29
N ARG D 30 -6.32 -36.55 10.04
CA ARG D 30 -6.16 -35.69 8.87
C ARG D 30 -7.31 -34.69 8.84
N GLU D 31 -7.00 -33.39 8.83
CA GLU D 31 -8.02 -32.34 8.85
C GLU D 31 -8.09 -31.59 7.53
N TYR D 32 -9.29 -31.46 6.97
CA TYR D 32 -9.50 -30.82 5.68
C TYR D 32 -10.27 -29.52 5.78
N ILE D 34 -11.99 -27.53 2.50
CA ILE D 34 -12.14 -27.55 1.06
C ILE D 34 -13.13 -26.48 0.64
N ILE D 35 -12.61 -25.51 -0.12
CA ILE D 35 -13.44 -24.46 -0.70
C ILE D 35 -13.62 -24.83 -2.16
N THR D 36 -14.87 -25.08 -2.56
CA THR D 36 -15.17 -25.36 -3.96
C THR D 36 -15.65 -24.08 -4.63
N TYR D 37 -15.04 -23.79 -5.76
CA TYR D 37 -15.37 -22.59 -6.51
C TYR D 37 -15.52 -22.89 -8.00
N ARG D 38 -16.47 -22.21 -8.62
CA ARG D 38 -16.62 -22.23 -10.06
C ARG D 38 -15.54 -21.38 -10.68
N THR D 39 -14.92 -21.92 -11.73
CA THR D 39 -13.82 -21.26 -12.45
C THR D 39 -14.20 -21.16 -13.93
N ASP D 40 -13.32 -20.56 -14.72
CA ASP D 40 -13.52 -20.44 -16.16
C ASP D 40 -13.24 -21.81 -16.78
N PRO D 41 -14.24 -22.37 -17.51
CA PRO D 41 -14.13 -23.72 -18.11
C PRO D 41 -12.93 -23.79 -19.05
N ALA D 42 -12.66 -22.67 -19.74
CA ALA D 42 -11.52 -22.55 -20.63
C ALA D 42 -10.19 -22.69 -19.88
N ALA D 43 -10.18 -22.31 -18.60
CA ALA D 43 -8.97 -22.43 -17.79
C ALA D 43 -8.70 -23.89 -17.45
N ILE D 44 -9.76 -24.65 -17.21
CA ILE D 44 -9.66 -26.08 -16.89
C ILE D 44 -9.23 -26.94 -18.08
N GLU D 45 -9.80 -26.69 -19.26
CA GLU D 45 -9.49 -27.55 -20.41
C GLU D 45 -8.06 -27.38 -20.91
N ALA D 46 -7.49 -26.19 -20.71
CA ALA D 46 -6.10 -25.91 -21.03
C ALA D 46 -5.12 -26.78 -20.23
N VAL D 47 -5.48 -27.12 -18.98
CA VAL D 47 -4.60 -27.85 -18.08
C VAL D 47 -4.94 -29.34 -17.94
N LEU D 48 -6.11 -29.76 -18.43
CA LEU D 48 -6.53 -31.17 -18.35
C LEU D 48 -6.01 -32.00 -19.53
N PRO D 49 -5.14 -33.00 -19.26
CA PRO D 49 -4.53 -33.85 -20.29
C PRO D 49 -5.49 -34.93 -20.75
N GLU D 50 -5.72 -35.05 -22.05
CA GLU D 50 -6.51 -36.18 -22.54
C GLU D 50 -5.66 -37.44 -22.31
N PRO D 51 -6.28 -38.62 -22.07
CA PRO D 51 -7.71 -39.03 -22.10
C PRO D 51 -8.61 -38.59 -20.93
N LEU D 52 -8.23 -37.70 -20.03
CA LEU D 52 -9.10 -37.07 -19.11
C LEU D 52 -9.97 -36.22 -19.73
N GLN D 53 -11.18 -36.26 -19.23
CA GLN D 53 -12.21 -35.28 -19.41
C GLN D 53 -12.85 -34.54 -18.35
N ALA D 55 -15.37 -32.59 -16.06
CA ALA D 55 -16.74 -32.69 -15.53
C ALA D 55 -17.00 -31.23 -15.20
N GLU D 56 -17.83 -30.94 -14.19
CA GLU D 56 -18.33 -29.58 -13.91
C GLU D 56 -17.16 -28.55 -13.83
N PRO D 57 -17.43 -27.27 -14.13
CA PRO D 57 -16.29 -26.34 -14.21
C PRO D 57 -15.93 -25.73 -12.84
N VAL D 58 -15.56 -26.59 -11.90
CA VAL D 58 -15.23 -26.14 -10.55
C VAL D 58 -13.82 -26.55 -10.14
N VAL D 59 -13.31 -25.88 -9.11
CA VAL D 59 -12.07 -26.29 -8.50
C VAL D 59 -12.32 -26.52 -7.02
N ARG D 60 -11.79 -27.64 -6.53
CA ARG D 60 -11.80 -27.93 -5.13
C ARG D 60 -10.44 -27.46 -4.58
N TYR D 61 -10.47 -26.34 -3.86
CA TYR D 61 -9.25 -25.82 -3.20
C TYR D 61 -9.07 -26.33 -1.78
N GLU D 62 -7.99 -26.94 -1.54
CA GLU D 62 -7.68 -27.59 -0.33
C GLU D 62 -6.59 -27.15 0.66
N PHE D 63 -6.79 -27.18 1.93
CA PHE D 63 -5.79 -26.95 2.95
C PHE D 63 -5.93 -28.13 3.89
N ILE D 64 -4.87 -28.93 4.00
CA ILE D 64 -4.92 -30.17 4.78
C ILE D 64 -3.83 -30.22 5.84
N ARG D 65 -4.22 -30.58 7.05
CA ARG D 65 -3.28 -30.91 8.11
C ARG D 65 -3.15 -32.42 8.19
N PRO D 67 -1.09 -34.31 10.84
CA PRO D 67 -0.20 -34.33 12.01
C PRO D 67 0.46 -35.67 12.30
N ASP D 68 -0.09 -36.74 11.74
CA ASP D 68 0.31 -38.08 12.12
C ASP D 68 0.24 -38.95 10.86
N SER D 69 1.42 -39.19 10.27
CA SER D 69 1.55 -39.75 8.94
C SER D 69 2.73 -40.70 8.94
N THR D 70 2.43 -42.00 8.84
CA THR D 70 3.42 -43.05 8.96
C THR D 70 4.49 -42.84 7.90
N GLY D 71 5.76 -42.93 8.29
CA GLY D 71 6.87 -42.75 7.36
C GLY D 71 7.18 -41.32 6.91
N PHE D 72 6.30 -40.37 7.25
CA PHE D 72 6.39 -39.00 6.73
C PHE D 72 6.56 -37.93 7.80
N GLY D 73 5.86 -38.10 8.91
CA GLY D 73 5.98 -37.18 10.02
C GLY D 73 4.73 -36.35 10.19
N ASP D 74 4.93 -35.06 10.41
CA ASP D 74 3.88 -34.14 10.75
C ASP D 74 3.96 -32.90 9.84
N TYR D 75 2.94 -32.69 9.01
CA TYR D 75 3.03 -31.69 7.94
C TYR D 75 1.69 -31.16 7.47
N SER D 76 1.73 -30.14 6.63
CA SER D 76 0.53 -29.55 6.07
C SER D 76 0.69 -29.51 4.57
N GLU D 77 -0.44 -29.31 3.88
CA GLU D 77 -0.49 -29.42 2.43
C GLU D 77 -1.60 -28.53 1.92
N SER D 78 -1.42 -27.95 0.74
CA SER D 78 -2.49 -27.19 0.12
C SER D 78 -2.44 -27.43 -1.37
N GLY D 79 -3.58 -27.29 -2.05
CA GLY D 79 -3.55 -27.41 -3.50
C GLY D 79 -4.89 -27.46 -4.16
N GLN D 80 -4.87 -27.80 -5.45
CA GLN D 80 -6.02 -27.67 -6.36
C GLN D 80 -6.38 -29.01 -6.99
N VAL D 81 -7.63 -29.40 -6.80
CA VAL D 81 -8.15 -30.68 -7.33
C VAL D 81 -9.37 -30.31 -8.17
N ILE D 82 -9.53 -30.96 -9.33
CA ILE D 82 -10.72 -30.72 -10.18
C ILE D 82 -11.49 -32.03 -10.44
N PRO D 83 -12.84 -31.93 -10.59
CA PRO D 83 -13.66 -33.08 -10.99
C PRO D 83 -13.38 -33.51 -12.42
N VAL D 84 -13.27 -34.82 -12.61
CA VAL D 84 -12.88 -35.41 -13.89
C VAL D 84 -13.63 -36.74 -14.17
N THR D 85 -13.63 -37.17 -15.43
CA THR D 85 -14.05 -38.53 -15.77
C THR D 85 -12.98 -39.14 -16.65
N PHE D 86 -12.69 -40.41 -16.39
CA PHE D 86 -11.86 -41.18 -17.31
C PHE D 86 -12.57 -42.50 -17.65
N ARG D 87 -12.76 -42.69 -18.95
CA ARG D 87 -13.63 -43.74 -19.47
C ARG D 87 -15.05 -43.62 -18.88
N GLY D 88 -15.57 -42.39 -18.80
CA GLY D 88 -16.86 -42.15 -18.14
C GLY D 88 -16.96 -42.37 -16.64
N GLU D 89 -15.94 -42.97 -16.02
CA GLU D 89 -15.91 -43.04 -14.55
C GLU D 89 -15.53 -41.66 -13.95
N ARG D 90 -16.34 -41.20 -12.99
CA ARG D 90 -16.14 -39.89 -12.35
C ARG D 90 -15.02 -39.95 -11.29
N GLY D 91 -14.09 -38.99 -11.35
CA GLY D 91 -13.05 -38.92 -10.33
C GLY D 91 -12.41 -37.55 -10.19
N SER D 92 -11.32 -37.50 -9.45
CA SER D 92 -10.61 -36.24 -9.22
C SER D 92 -9.30 -36.20 -10.01
N TYR D 93 -8.89 -35.00 -10.40
CA TYR D 93 -7.55 -34.79 -10.95
C TYR D 93 -6.82 -33.73 -10.12
N THR D 94 -5.64 -34.10 -9.60
CA THR D 94 -4.80 -33.18 -8.81
C THR D 94 -3.90 -32.37 -9.76
N LEU D 95 -4.13 -31.07 -9.77
CA LEU D 95 -3.38 -30.16 -10.61
C LEU D 95 -2.06 -29.65 -9.96
N ALA D 96 -2.13 -29.35 -8.67
CA ALA D 96 -1.03 -28.75 -7.93
C ALA D 96 -1.26 -28.98 -6.45
N PHE D 98 1.09 -28.36 -2.56
CA PHE D 98 2.27 -27.73 -1.94
C PHE D 98 2.37 -28.18 -0.48
N LEU D 99 3.55 -28.67 -0.07
CA LEU D 99 3.76 -29.11 1.35
C LEU D 99 5.07 -28.65 1.98
N ASP D 100 5.16 -28.74 3.31
CA ASP D 100 6.33 -28.29 4.10
C ASP D 100 7.23 -29.41 4.69
N ASP D 101 7.28 -30.56 4.05
CA ASP D 101 8.01 -31.72 4.60
C ASP D 101 8.49 -32.53 3.40
N GLN D 102 9.78 -32.90 3.40
CA GLN D 102 10.41 -33.42 2.19
C GLN D 102 10.05 -34.87 1.91
N PRO D 103 10.17 -35.76 2.91
CA PRO D 103 9.77 -37.14 2.64
C PRO D 103 8.44 -37.33 1.90
N PRO D 104 7.32 -36.68 2.36
CA PRO D 104 6.09 -36.90 1.58
C PRO D 104 6.12 -36.23 0.24
N LEU D 105 6.95 -35.17 0.14
CA LEU D 105 7.13 -34.44 -1.11
C LEU D 105 7.77 -35.35 -2.15
N ALA D 106 9.00 -35.79 -1.90
CA ALA D 106 9.71 -36.75 -2.78
C ALA D 106 8.91 -38.03 -3.02
N GLY D 107 8.46 -38.65 -1.93
CA GLY D 107 7.61 -39.85 -2.01
C GLY D 107 6.38 -39.61 -2.86
N GLY D 108 5.68 -38.51 -2.58
CA GLY D 108 4.48 -38.13 -3.33
C GLY D 108 4.72 -38.12 -4.82
N ARG D 109 5.81 -37.49 -5.23
CA ARG D 109 6.19 -37.37 -6.65
C ARG D 109 6.65 -38.70 -7.25
N GLU D 110 7.57 -39.36 -6.56
CA GLU D 110 8.28 -40.50 -7.14
C GLU D 110 7.51 -41.84 -7.10
N LEU D 111 6.57 -41.97 -6.18
CA LEU D 111 5.80 -43.22 -6.04
C LEU D 111 4.46 -43.13 -6.81
N TRP D 112 3.56 -42.26 -6.38
CA TRP D 112 2.25 -42.12 -7.00
C TRP D 112 2.23 -41.18 -8.21
N GLY D 113 3.14 -40.21 -8.22
CA GLY D 113 3.12 -39.12 -9.18
C GLY D 113 2.20 -37.97 -8.76
N PHE D 114 2.18 -37.64 -7.47
CA PHE D 114 1.51 -36.41 -7.01
C PHE D 114 2.35 -35.22 -7.52
N PRO D 115 1.71 -34.13 -7.99
CA PRO D 115 2.39 -32.99 -8.59
C PRO D 115 2.88 -31.96 -7.53
N LYS D 116 3.77 -32.35 -6.74
CA LYS D 116 4.07 -31.67 -5.51
C LYS D 116 5.21 -30.64 -5.62
N LYS D 117 5.13 -29.58 -4.85
CA LYS D 117 6.14 -28.53 -4.78
C LYS D 117 6.22 -28.09 -3.33
N ALA D 118 7.29 -27.39 -2.99
CA ALA D 118 7.46 -26.89 -1.63
C ALA D 118 6.57 -25.65 -1.41
N GLY D 119 6.08 -25.46 -0.19
CA GLY D 119 5.36 -24.22 0.16
C GLY D 119 5.07 -24.29 1.63
N LYS D 120 4.38 -23.29 2.15
CA LYS D 120 4.06 -23.26 3.60
C LYS D 120 2.56 -23.14 3.82
N PRO D 121 1.85 -24.29 3.82
CA PRO D 121 0.42 -24.29 4.09
C PRO D 121 0.17 -24.22 5.59
N ARG D 122 -0.89 -23.56 5.99
CA ARG D 122 -1.30 -23.53 7.39
C ARG D 122 -2.82 -23.62 7.48
N LEU D 123 -3.32 -24.21 8.55
CA LEU D 123 -4.73 -24.35 8.76
C LEU D 123 -4.94 -24.25 10.27
N GLU D 124 -5.65 -23.20 10.69
CA GLU D 124 -5.77 -22.93 12.12
C GLU D 124 -7.04 -22.15 12.38
N VAL D 125 -7.61 -22.41 13.54
CA VAL D 125 -8.77 -21.70 14.03
C VAL D 125 -8.26 -20.44 14.69
N HIS D 126 -8.82 -19.31 14.31
CA HIS D 126 -8.54 -18.06 14.98
C HIS D 126 -9.82 -17.55 15.60
N GLN D 127 -10.03 -17.91 16.88
CA GLN D 127 -11.27 -17.58 17.58
C GLN D 127 -12.27 -18.29 16.65
N ASP D 128 -13.12 -17.51 16.00
CA ASP D 128 -14.33 -17.99 15.33
C ASP D 128 -14.17 -18.44 13.88
N THR D 129 -12.99 -18.24 13.31
CA THR D 129 -12.77 -18.51 11.89
C THR D 129 -11.72 -19.59 11.73
N LEU D 130 -12.01 -20.56 10.87
CA LEU D 130 -11.02 -21.49 10.37
C LEU D 130 -10.28 -20.81 9.23
N VAL D 131 -8.96 -20.70 9.32
CA VAL D 131 -8.22 -19.90 8.36
C VAL D 131 -7.17 -20.78 7.73
N GLY D 132 -7.19 -20.87 6.42
CA GLY D 132 -6.21 -21.66 5.72
C GLY D 132 -5.37 -20.72 4.91
N SER D 133 -4.08 -20.93 4.88
CA SER D 133 -3.25 -20.06 4.05
C SER D 133 -2.13 -20.84 3.35
N LEU D 134 -1.74 -20.37 2.16
CA LEU D 134 -0.53 -20.85 1.52
C LEU D 134 0.44 -19.74 1.12
N ASP D 135 1.68 -19.87 1.60
CA ASP D 135 2.78 -19.02 1.19
C ASP D 135 3.78 -19.83 0.39
N PHE D 136 4.31 -19.16 -0.64
CA PHE D 136 5.39 -19.67 -1.46
C PHE D 136 6.55 -18.71 -1.26
N GLY D 137 7.51 -19.11 -0.46
CA GLY D 137 8.57 -18.18 -0.03
C GLY D 137 7.91 -17.03 0.67
N PRO D 138 8.29 -15.78 0.32
CA PRO D 138 7.70 -14.56 0.92
C PRO D 138 6.28 -14.20 0.48
N VAL D 139 5.72 -14.90 -0.50
CA VAL D 139 4.49 -14.46 -1.13
C VAL D 139 3.29 -15.34 -0.71
N ARG D 140 2.20 -14.69 -0.33
CA ARG D 140 0.93 -15.36 -0.08
C ARG D 140 0.25 -15.60 -1.41
N ILE D 141 -0.04 -16.86 -1.74
CA ILE D 141 -0.74 -17.19 -2.98
C ILE D 141 -2.17 -17.72 -2.74
N ALA D 142 -2.49 -18.12 -1.50
CA ALA D 142 -3.86 -18.56 -1.14
C ALA D 142 -4.29 -18.30 0.31
N THR D 143 -5.44 -17.65 0.43
CA THR D 143 -6.08 -17.42 1.73
C THR D 143 -7.52 -17.87 1.63
N GLY D 144 -7.91 -18.74 2.55
CA GLY D 144 -9.27 -19.26 2.58
C GLY D 144 -9.81 -19.15 3.98
N THR D 145 -11.10 -18.89 4.10
CA THR D 145 -11.74 -18.82 5.43
C THR D 145 -13.07 -19.56 5.46
N GLY D 147 -16.65 -20.36 8.42
CA GLY D 147 -17.21 -20.43 9.76
C GLY D 147 -16.79 -21.73 10.47
N TYR D 148 -17.00 -21.77 11.77
CA TYR D 148 -16.59 -22.94 12.53
C TYR D 148 -17.78 -23.88 12.82
N LYS D 149 -17.82 -24.99 12.10
CA LYS D 149 -18.77 -26.04 12.33
C LYS D 149 -20.21 -25.56 12.50
N TYR D 150 -20.72 -24.85 11.51
CA TYR D 150 -22.06 -24.32 11.49
C TYR D 150 -23.08 -25.45 11.36
N GLU D 151 -22.92 -26.29 10.37
CA GLU D 151 -23.85 -27.34 10.11
C GLU D 151 -23.16 -28.67 9.97
N ALA D 152 -23.69 -29.70 10.61
CA ALA D 152 -23.11 -31.03 10.47
C ALA D 152 -23.41 -31.58 9.07
N LEU D 153 -22.54 -32.36 8.53
CA LEU D 153 -22.76 -32.90 7.22
C LEU D 153 -23.13 -34.36 7.31
N ASP D 154 -23.92 -34.91 6.40
CA ASP D 154 -23.92 -36.35 6.54
C ASP D 154 -22.76 -37.01 5.91
N ARG D 155 -22.22 -37.92 6.70
CA ARG D 155 -21.00 -38.43 6.59
C ARG D 155 -21.17 -39.47 5.53
N SER D 156 -22.26 -40.13 5.58
CA SER D 156 -22.48 -41.22 4.67
C SER D 156 -22.39 -40.71 3.24
N ALA D 157 -22.94 -39.52 3.01
CA ALA D 157 -22.80 -38.83 1.71
C ALA D 157 -21.36 -38.46 1.40
N LEU D 158 -20.69 -37.75 2.33
CA LEU D 158 -19.25 -37.41 2.21
C LEU D 158 -18.38 -38.55 1.65
N LEU D 159 -18.43 -39.72 2.32
CA LEU D 159 -17.76 -40.93 1.85
C LEU D 159 -18.04 -41.28 0.37
N ALA D 160 -19.01 -40.60 -0.22
CA ALA D 160 -19.24 -40.71 -1.66
C ALA D 160 -18.08 -40.14 -2.51
N SER D 161 -17.43 -39.07 -2.01
CA SER D 161 -16.24 -38.54 -2.70
C SER D 161 -14.94 -39.28 -2.36
N LEU D 162 -14.85 -39.82 -1.14
CA LEU D 162 -13.60 -40.40 -0.65
C LEU D 162 -13.32 -41.80 -1.19
N ALA D 163 -14.36 -42.44 -1.74
CA ALA D 163 -14.23 -43.75 -2.35
C ALA D 163 -14.02 -43.65 -3.85
N GLU D 164 -14.34 -42.49 -4.41
CA GLU D 164 -14.11 -42.25 -5.84
C GLU D 164 -12.63 -42.43 -6.16
N PRO D 165 -12.33 -42.75 -7.44
CA PRO D 165 -10.94 -42.79 -7.85
C PRO D 165 -10.30 -41.40 -7.93
N ASN D 166 -9.01 -41.32 -7.61
CA ASN D 166 -8.24 -40.11 -7.82
C ASN D 166 -7.22 -40.32 -8.93
N PHE D 167 -7.14 -39.39 -9.88
CA PHE D 167 -6.24 -39.56 -11.02
C PHE D 167 -5.04 -38.60 -10.99
N LEU D 168 -3.87 -39.10 -11.37
CA LEU D 168 -2.64 -38.32 -11.36
C LEU D 168 -1.83 -38.53 -12.62
N LEU D 169 -1.34 -37.46 -13.22
CA LEU D 169 -0.42 -37.65 -14.33
C LEU D 169 1.03 -37.76 -13.85
N LYS D 170 1.54 -38.99 -13.76
CA LYS D 170 2.94 -39.25 -13.35
C LYS D 170 3.96 -39.05 -14.48
N ILE D 171 4.92 -38.15 -14.26
CA ILE D 171 5.95 -37.82 -15.22
C ILE D 171 7.30 -37.85 -14.51
N ILE D 172 8.20 -38.75 -14.93
CA ILE D 172 9.58 -38.74 -14.46
C ILE D 172 10.50 -38.66 -15.67
N PRO D 173 11.37 -37.63 -15.73
CA PRO D 173 12.28 -37.52 -16.87
C PRO D 173 13.30 -38.66 -16.93
N HIS D 174 13.75 -38.99 -18.14
CA HIS D 174 14.92 -39.82 -18.32
C HIS D 174 16.14 -38.93 -18.14
N VAL D 175 17.31 -39.54 -17.95
CA VAL D 175 18.56 -38.78 -17.80
C VAL D 175 18.77 -37.78 -18.94
N ASP D 176 18.25 -38.11 -20.11
CA ASP D 176 18.38 -37.26 -21.28
C ASP D 176 17.29 -36.18 -21.39
N GLY D 177 16.40 -36.10 -20.41
CA GLY D 177 15.33 -35.12 -20.41
C GLY D 177 13.98 -35.54 -21.02
N SER D 178 13.98 -36.53 -21.91
CA SER D 178 12.73 -37.06 -22.47
C SER D 178 12.04 -37.95 -21.42
N PRO D 179 10.70 -38.08 -21.47
CA PRO D 179 10.02 -38.89 -20.46
C PRO D 179 10.41 -40.38 -20.33
N ARG D 180 10.75 -40.78 -19.11
CA ARG D 180 10.97 -42.18 -18.79
C ARG D 180 9.69 -42.80 -18.24
N ILE D 181 8.93 -41.99 -17.52
CA ILE D 181 7.62 -42.39 -17.06
C ILE D 181 6.66 -41.31 -17.50
N CYS D 182 5.58 -41.70 -18.18
CA CYS D 182 4.53 -40.75 -18.47
C CYS D 182 3.19 -41.47 -18.54
N GLU D 183 2.57 -41.60 -17.36
CA GLU D 183 1.37 -42.39 -17.21
C GLU D 183 0.32 -41.73 -16.28
N LEU D 184 -0.95 -42.01 -16.57
CA LEU D 184 -2.02 -41.72 -15.60
C LEU D 184 -2.13 -42.83 -14.57
N VAL D 185 -2.21 -42.41 -13.30
CA VAL D 185 -2.21 -43.30 -12.17
C VAL D 185 -3.56 -43.15 -11.47
N ARG D 186 -4.09 -44.25 -10.97
CA ARG D 186 -5.35 -44.21 -10.27
C ARG D 186 -5.04 -44.64 -8.86
N TYR D 187 -5.39 -43.82 -7.87
CA TYR D 187 -5.25 -44.23 -6.45
C TYR D 187 -6.54 -43.98 -5.68
N HIS D 188 -6.73 -44.72 -4.60
CA HIS D 188 -7.89 -44.57 -3.74
C HIS D 188 -7.42 -44.34 -2.33
N THR D 189 -8.25 -43.64 -1.56
CA THR D 189 -8.06 -43.47 -0.13
C THR D 189 -8.98 -44.50 0.48
N THR D 190 -8.41 -45.46 1.19
CA THR D 190 -9.21 -46.53 1.78
C THR D 190 -9.10 -46.49 3.28
N ASP D 191 -9.88 -47.32 3.97
CA ASP D 191 -9.89 -47.34 5.42
C ASP D 191 -10.42 -46.04 6.01
N VAL D 192 -11.22 -45.31 5.23
CA VAL D 192 -11.68 -44.00 5.67
C VAL D 192 -12.67 -44.06 6.85
N ALA D 193 -12.22 -43.56 8.01
CA ALA D 193 -13.08 -43.29 9.15
C ALA D 193 -13.28 -41.79 9.33
N ILE D 194 -14.53 -41.33 9.32
CA ILE D 194 -14.81 -39.91 9.47
C ILE D 194 -15.05 -39.60 10.93
N LYS D 195 -14.31 -38.63 11.47
CA LYS D 195 -14.46 -38.27 12.87
C LYS D 195 -15.49 -37.16 13.02
N GLY D 196 -15.60 -36.34 11.99
CA GLY D 196 -16.57 -35.25 11.97
C GLY D 196 -16.50 -34.52 10.65
N ALA D 197 -17.61 -33.92 10.25
CA ALA D 197 -17.70 -33.22 8.99
C ALA D 197 -18.72 -32.12 9.14
N TRP D 198 -18.45 -30.96 8.54
CA TRP D 198 -19.26 -29.78 8.77
C TRP D 198 -19.26 -28.89 7.56
N SER D 199 -20.27 -28.05 7.46
CA SER D 199 -20.22 -26.97 6.49
C SER D 199 -20.41 -25.63 7.20
N ALA D 200 -20.15 -24.57 6.46
CA ALA D 200 -20.17 -23.19 6.98
C ALA D 200 -19.90 -22.28 5.80
N PRO D 201 -20.20 -20.98 5.91
CA PRO D 201 -19.85 -20.09 4.80
C PRO D 201 -18.34 -20.11 4.59
N GLY D 202 -17.90 -19.83 3.37
CA GLY D 202 -16.49 -19.88 3.04
C GLY D 202 -16.04 -18.71 2.19
N SER D 203 -14.72 -18.51 2.16
CA SER D 203 -14.14 -17.53 1.26
C SER D 203 -12.84 -18.05 0.70
N LEU D 204 -12.37 -17.45 -0.38
CA LEU D 204 -11.08 -17.83 -0.96
C LEU D 204 -10.48 -16.67 -1.73
N GLU D 205 -9.31 -16.29 -1.50
CA GLU D 205 -8.63 -15.50 -2.38
C GLU D 205 -7.35 -16.04 -2.81
N LEU D 206 -7.01 -15.87 -4.05
CA LEU D 206 -5.79 -16.42 -4.70
C LEU D 206 -4.92 -15.33 -5.30
N HIS D 207 -3.61 -15.51 -5.23
CA HIS D 207 -2.69 -14.51 -5.76
C HIS D 207 -1.73 -15.13 -6.78
N PRO D 208 -1.33 -14.36 -7.80
CA PRO D 208 -0.41 -14.89 -8.82
C PRO D 208 0.97 -15.19 -8.31
N HIS D 209 1.59 -16.22 -8.90
CA HIS D 209 2.98 -16.51 -8.68
C HIS D 209 3.45 -17.26 -9.91
N ALA D 210 4.64 -16.88 -10.39
CA ALA D 210 5.25 -17.47 -11.59
C ALA D 210 5.52 -18.97 -11.46
N LEU D 211 5.80 -19.40 -10.24
CA LEU D 211 6.26 -20.75 -9.96
C LEU D 211 5.19 -21.56 -9.22
N ALA D 212 4.08 -20.91 -8.91
CA ALA D 212 2.97 -21.54 -8.21
C ALA D 212 1.63 -21.00 -8.71
N PRO D 213 1.22 -21.37 -9.94
CA PRO D 213 0.17 -20.60 -10.60
C PRO D 213 -1.27 -21.03 -10.24
N VAL D 214 -1.56 -21.15 -8.95
CA VAL D 214 -2.91 -21.54 -8.53
C VAL D 214 -3.94 -20.56 -9.09
N ALA D 215 -3.56 -19.28 -9.19
CA ALA D 215 -4.49 -18.22 -9.59
C ALA D 215 -4.85 -18.23 -11.08
N ALA D 216 -4.12 -19.02 -11.85
CA ALA D 216 -4.46 -19.33 -13.25
C ALA D 216 -5.84 -19.98 -13.38
N LEU D 217 -6.37 -20.53 -12.29
CA LEU D 217 -7.76 -20.99 -12.29
C LEU D 217 -8.60 -20.06 -11.44
N PRO D 218 -9.16 -19.00 -12.07
CA PRO D 218 -9.76 -17.90 -11.31
C PRO D 218 -11.02 -18.25 -10.50
N VAL D 219 -11.09 -17.65 -9.31
CA VAL D 219 -12.21 -17.82 -8.41
C VAL D 219 -13.29 -16.85 -8.87
N LEU D 220 -14.28 -17.37 -9.59
CA LEU D 220 -15.37 -16.55 -10.11
C LEU D 220 -16.46 -16.42 -9.05
N GLU D 221 -16.82 -17.54 -8.43
CA GLU D 221 -17.73 -17.55 -7.29
C GLU D 221 -17.47 -18.75 -6.41
N VAL D 222 -17.43 -18.53 -5.10
CA VAL D 222 -17.32 -19.64 -4.16
C VAL D 222 -18.70 -20.30 -4.10
N LEU D 223 -18.71 -21.63 -4.05
CA LEU D 223 -19.96 -22.41 -4.17
C LEU D 223 -20.27 -23.20 -2.91
N SER D 224 -19.24 -23.73 -2.26
CA SER D 224 -19.41 -24.45 -1.00
C SER D 224 -18.11 -24.44 -0.20
N ALA D 225 -18.22 -24.71 1.09
CA ALA D 225 -17.04 -24.90 1.93
C ALA D 225 -17.31 -26.06 2.87
N ARG D 226 -16.32 -26.92 3.06
CA ARG D 226 -16.47 -28.06 3.95
C ARG D 226 -15.22 -28.27 4.80
N HIS D 227 -15.44 -28.75 6.02
CA HIS D 227 -14.40 -28.95 6.99
C HIS D 227 -14.61 -30.35 7.56
N PHE D 228 -13.61 -31.22 7.47
CA PHE D 228 -13.75 -32.54 8.08
C PHE D 228 -12.46 -33.12 8.61
N VAL D 229 -12.59 -34.00 9.60
CA VAL D 229 -11.47 -34.71 10.16
C VAL D 229 -11.68 -36.22 9.93
N CYS D 230 -10.60 -36.92 9.60
CA CYS D 230 -10.68 -38.36 9.34
C CYS D 230 -9.38 -39.12 9.56
N ASP D 231 -9.50 -40.44 9.74
CA ASP D 231 -8.41 -41.38 9.54
C ASP D 231 -8.52 -41.94 8.14
N LEU D 232 -7.40 -42.34 7.56
CA LEU D 232 -7.36 -42.64 6.13
C LEU D 232 -6.08 -43.40 5.81
N THR D 233 -6.18 -44.40 4.93
CA THR D 233 -5.00 -45.05 4.39
C THR D 233 -4.87 -44.66 2.94
N LEU D 234 -3.68 -44.23 2.57
CA LEU D 234 -3.40 -43.86 1.20
C LEU D 234 -2.79 -45.08 0.51
N ASP D 235 -3.63 -45.73 -0.30
CA ASP D 235 -3.27 -46.95 -1.05
C ASP D 235 -2.30 -46.65 -2.18
N LEU D 236 -1.50 -47.64 -2.56
CA LEU D 236 -0.64 -47.49 -3.72
C LEU D 236 -1.49 -47.34 -4.96
N GLY D 237 -1.00 -46.61 -5.94
CA GLY D 237 -1.79 -46.33 -7.12
C GLY D 237 -1.65 -47.46 -8.13
N THR D 238 -2.42 -47.37 -9.21
CA THR D 238 -2.25 -48.27 -10.37
C THR D 238 -2.18 -47.47 -11.65
N VAL D 239 -1.42 -47.95 -12.63
CA VAL D 239 -1.39 -47.31 -13.94
C VAL D 239 -2.72 -47.64 -14.66
N VAL D 240 -3.36 -46.64 -15.27
CA VAL D 240 -4.61 -46.86 -16.02
C VAL D 240 -4.50 -46.33 -17.43
N PHE D 241 -3.40 -45.63 -17.71
CA PHE D 241 -3.04 -45.25 -19.06
C PHE D 241 -1.55 -44.94 -19.06
N ASP D 242 -0.84 -45.51 -20.02
CA ASP D 242 0.58 -45.30 -20.12
C ASP D 242 0.81 -44.61 -21.44
N TYR D 243 1.12 -43.32 -21.38
CA TYR D 243 1.38 -42.55 -22.59
C TYR D 243 2.59 -43.11 -23.35
N LEU D 244 3.40 -43.95 -22.69
CA LEU D 244 4.69 -44.37 -23.26
C LEU D 244 4.79 -45.83 -23.79
N ARG D 245 3.71 -46.61 -23.64
CA ARG D 245 3.76 -48.06 -23.95
C ARG D 245 4.03 -48.39 -25.41
#